data_5YAT
#
_entry.id   5YAT
#
_cell.length_a   111.856
_cell.length_b   111.856
_cell.length_c   105.520
_cell.angle_alpha   90.00
_cell.angle_beta   90.00
_cell.angle_gamma   120.00
#
_symmetry.space_group_name_H-M   'P 64'
#
loop_
_entity.id
_entity.type
_entity.pdbx_description
1 polymer 'Mitochondrial alcohol dehydrogenase isozyme III'
2 non-polymer GLYCEROL
3 non-polymer 'ISOPROPYL ALCOHOL'
4 non-polymer 'ZINC ION'
5 water water
#
_entity_poly.entity_id   1
_entity_poly.type   'polypeptide(L)'
_entity_poly.pdbx_seq_one_letter_code
;MSPTIPTTQKAVIFETNGGPLEYKDIPVPKPKSNELLINVKYSGVCHTDLHAWKGDWPLDNKLPLVGGHEGAGVVVAYGE
NVTGWEIGDYAGIKWLNGSCLNCEYCIQGAESSCAKADLSGFTHDGSFQQYATADATQAARIPKEADLAEVAPILCAGIT
VYKALKTADLRIGQWVAISGAGGGLGSLAVQYAKALGLRVLGIDGGADKGEFVKSLGAEVFVDFTKTKDVVAEVQKLTNG
GPHGVINVSVSPHAINQSVQYVRTLGKVVLVGLPSGAVVNSDVFWHVLKSIEIKGSYVGNREDSAEAIDLFTRGLVKAPI
KIIGLSELAKVYEQMEAGAIIGRYVVDTSK
;
_entity_poly.pdbx_strand_id   A,B
#
# COMPACT_ATOMS: atom_id res chain seq x y z
N THR A 4 17.83 -28.61 -5.79
CA THR A 4 19.02 -29.18 -5.15
C THR A 4 19.77 -28.06 -4.43
N ILE A 5 19.54 -27.96 -3.12
CA ILE A 5 19.97 -26.82 -2.32
C ILE A 5 21.07 -27.30 -1.37
N PRO A 6 22.30 -26.81 -1.50
CA PRO A 6 23.35 -27.17 -0.53
C PRO A 6 23.02 -26.71 0.88
N THR A 7 23.83 -27.19 1.83
CA THR A 7 23.79 -26.73 3.20
C THR A 7 24.94 -25.79 3.53
N THR A 8 25.94 -25.71 2.65
CA THR A 8 27.11 -24.85 2.82
C THR A 8 27.30 -24.06 1.54
N GLN A 9 27.82 -22.84 1.67
CA GLN A 9 27.89 -21.92 0.55
C GLN A 9 29.07 -20.98 0.73
N LYS A 10 29.42 -20.29 -0.35
CA LYS A 10 30.41 -19.22 -0.30
C LYS A 10 29.74 -17.89 0.04
N ALA A 11 30.49 -17.05 0.76
CA ALA A 11 30.01 -15.72 1.13
C ALA A 11 31.19 -14.85 1.54
N VAL A 12 30.97 -13.54 1.48
CA VAL A 12 31.91 -12.56 2.00
C VAL A 12 31.28 -11.98 3.27
N ILE A 13 31.92 -12.25 4.41
CA ILE A 13 31.33 -12.00 5.71
C ILE A 13 32.38 -11.35 6.61
N PHE A 14 31.94 -10.47 7.49
CA PHE A 14 32.81 -9.86 8.50
C PHE A 14 32.19 -10.04 9.87
N GLU A 15 33.06 -10.13 10.88
CA GLU A 15 32.64 -10.36 12.25
C GLU A 15 32.68 -9.10 13.10
N THR A 16 33.37 -8.06 12.65
CA THR A 16 33.40 -6.79 13.35
C THR A 16 33.40 -5.67 12.32
N ASN A 17 32.85 -4.52 12.70
CA ASN A 17 32.89 -3.37 11.81
C ASN A 17 34.34 -3.00 11.52
N GLY A 18 34.65 -2.80 10.24
CA GLY A 18 36.02 -2.60 9.82
C GLY A 18 36.90 -3.83 9.91
N GLY A 19 36.35 -4.99 10.28
CA GLY A 19 37.14 -6.21 10.37
C GLY A 19 37.42 -6.81 9.02
N PRO A 20 38.10 -7.95 9.03
CA PRO A 20 38.45 -8.62 7.77
C PRO A 20 37.22 -9.08 7.00
N LEU A 21 37.23 -8.81 5.69
CA LEU A 21 36.18 -9.24 4.78
C LEU A 21 36.56 -10.63 4.27
N GLU A 22 36.00 -11.67 4.87
CA GLU A 22 36.43 -13.03 4.62
C GLU A 22 35.53 -13.69 3.58
N TYR A 23 36.14 -14.15 2.49
CA TYR A 23 35.47 -15.00 1.52
C TYR A 23 35.64 -16.44 1.97
N LYS A 24 34.57 -17.06 2.46
CA LYS A 24 34.69 -18.39 3.03
C LYS A 24 33.36 -19.11 2.95
N ASP A 25 33.34 -20.31 3.54
CA ASP A 25 32.13 -21.12 3.62
C ASP A 25 31.32 -20.75 4.84
N ILE A 26 30.01 -20.63 4.66
CA ILE A 26 29.07 -20.43 5.75
C ILE A 26 27.84 -21.28 5.48
N PRO A 27 26.98 -21.50 6.46
CA PRO A 27 25.77 -22.29 6.22
C PRO A 27 24.79 -21.57 5.29
N VAL A 28 24.05 -22.38 4.54
CA VAL A 28 22.93 -21.87 3.73
C VAL A 28 21.74 -21.61 4.66
N PRO A 29 21.13 -20.43 4.62
CA PRO A 29 20.01 -20.16 5.54
C PRO A 29 18.79 -20.99 5.19
N LYS A 30 17.96 -21.24 6.23
CA LYS A 30 16.64 -21.86 6.03
C LYS A 30 15.60 -20.77 6.01
N PRO A 31 14.75 -20.67 5.00
CA PRO A 31 13.77 -19.59 4.98
C PRO A 31 12.73 -19.78 6.08
N LYS A 32 12.41 -18.68 6.76
CA LYS A 32 11.26 -18.68 7.65
C LYS A 32 9.98 -18.81 6.83
N SER A 33 8.85 -18.88 7.54
CA SER A 33 7.57 -19.16 6.89
C SER A 33 7.19 -18.08 5.89
N ASN A 34 7.70 -16.86 6.07
CA ASN A 34 7.34 -15.73 5.24
C ASN A 34 8.37 -15.43 4.15
N GLU A 35 9.44 -16.22 4.06
CA GLU A 35 10.61 -15.85 3.29
C GLU A 35 10.78 -16.71 2.05
N LEU A 36 11.40 -16.10 1.04
CA LEU A 36 11.97 -16.79 -0.10
C LEU A 36 13.41 -17.15 0.21
N LEU A 37 13.83 -18.31 -0.29
CA LEU A 37 15.24 -18.65 -0.38
C LEU A 37 15.65 -18.49 -1.84
N ILE A 38 16.55 -17.55 -2.07
CA ILE A 38 16.97 -17.11 -3.40
C ILE A 38 18.42 -17.54 -3.61
N ASN A 39 18.67 -18.18 -4.73
CA ASN A 39 20.04 -18.44 -5.18
C ASN A 39 20.51 -17.18 -5.89
N VAL A 40 21.26 -16.36 -5.18
CA VAL A 40 21.73 -15.08 -5.71
C VAL A 40 22.74 -15.35 -6.82
N LYS A 41 22.39 -14.95 -8.04
CA LYS A 41 23.33 -15.13 -9.15
C LYS A 41 24.32 -13.98 -9.22
N TYR A 42 23.85 -12.75 -9.02
CA TYR A 42 24.71 -11.57 -9.10
C TYR A 42 24.30 -10.60 -8.01
N SER A 43 25.23 -9.74 -7.62
CA SER A 43 24.90 -8.66 -6.70
C SER A 43 25.64 -7.39 -7.09
N GLY A 44 24.92 -6.28 -7.15
CA GLY A 44 25.58 -5.01 -7.27
C GLY A 44 26.30 -4.66 -5.97
N VAL A 45 27.18 -3.66 -6.08
CA VAL A 45 27.94 -3.15 -4.95
C VAL A 45 27.87 -1.63 -5.00
N CYS A 46 27.73 -0.99 -3.83
CA CYS A 46 27.79 0.48 -3.79
C CYS A 46 28.30 0.92 -2.42
N HIS A 47 28.43 2.24 -2.25
CA HIS A 47 29.04 2.78 -1.04
C HIS A 47 28.24 2.46 0.22
N THR A 48 26.95 2.18 0.08
CA THR A 48 26.17 1.77 1.24
C THR A 48 26.79 0.55 1.91
N ASP A 49 27.33 -0.38 1.12
CA ASP A 49 27.98 -1.54 1.70
C ASP A 49 29.24 -1.14 2.46
N LEU A 50 29.99 -0.17 1.92
CA LEU A 50 31.11 0.38 2.66
C LEU A 50 30.67 0.89 4.02
N HIS A 51 29.58 1.66 4.05
CA HIS A 51 29.18 2.25 5.32
C HIS A 51 28.63 1.20 6.28
N ALA A 52 27.97 0.16 5.75
CA ALA A 52 27.56 -0.94 6.60
C ALA A 52 28.77 -1.59 7.27
N TRP A 53 29.80 -1.90 6.47
CA TRP A 53 30.99 -2.56 7.00
C TRP A 53 31.72 -1.68 8.00
N LYS A 54 31.92 -0.40 7.67
CA LYS A 54 32.61 0.51 8.57
C LYS A 54 31.78 0.83 9.82
N GLY A 55 30.46 0.69 9.75
CA GLY A 55 29.62 1.15 10.83
C GLY A 55 29.50 2.65 10.90
N ASP A 56 29.68 3.33 9.76
CA ASP A 56 29.67 4.79 9.72
C ASP A 56 28.33 5.36 10.17
N TRP A 57 27.24 4.63 9.94
CA TRP A 57 25.96 5.29 10.12
C TRP A 57 25.47 5.13 11.55
N PRO A 58 24.79 6.15 12.08
CA PRO A 58 24.27 6.07 13.45
C PRO A 58 23.05 5.15 13.55
N LEU A 59 22.97 4.16 12.68
CA LEU A 59 21.96 3.11 12.74
C LEU A 59 22.64 1.82 13.18
N ASP A 60 22.01 1.09 14.10
CA ASP A 60 22.65 -0.08 14.68
C ASP A 60 22.66 -1.22 13.65
N ASN A 61 23.86 -1.72 13.34
CA ASN A 61 24.01 -2.84 12.42
C ASN A 61 24.33 -4.12 13.19
N LYS A 62 24.06 -5.23 12.54
CA LYS A 62 24.25 -6.57 13.08
C LYS A 62 25.70 -7.01 12.90
N LEU A 63 26.18 -7.89 13.81
CA LEU A 63 27.53 -8.51 13.72
C LEU A 63 27.41 -9.95 14.19
N PRO A 64 27.99 -10.94 13.44
CA PRO A 64 28.69 -10.88 12.15
C PRO A 64 27.77 -10.57 10.98
N LEU A 65 28.23 -10.33 9.77
CA LEU A 65 27.27 -9.85 8.77
C LEU A 65 27.76 -10.20 7.38
N VAL A 66 26.86 -10.77 6.58
CA VAL A 66 27.02 -10.82 5.14
C VAL A 66 26.41 -9.56 4.56
N GLY A 67 27.21 -8.79 3.83
CA GLY A 67 26.76 -7.54 3.26
C GLY A 67 25.97 -7.76 1.98
N GLY A 68 25.61 -6.64 1.35
CA GLY A 68 24.95 -6.65 0.06
C GLY A 68 23.46 -6.38 0.09
N HIS A 69 23.00 -5.52 -0.81
CA HIS A 69 21.59 -5.15 -0.88
C HIS A 69 21.14 -4.94 -2.32
N GLU A 70 21.81 -5.54 -3.30
CA GLU A 70 21.45 -5.41 -4.69
C GLU A 70 21.55 -6.77 -5.39
N GLY A 71 20.79 -7.74 -4.91
CA GLY A 71 20.91 -9.12 -5.37
C GLY A 71 19.83 -9.49 -6.38
N ALA A 72 20.25 -10.17 -7.44
CA ALA A 72 19.33 -10.74 -8.42
C ALA A 72 19.57 -12.24 -8.49
N GLY A 73 18.50 -13.03 -8.35
CA GLY A 73 18.68 -14.46 -8.33
C GLY A 73 17.40 -15.22 -8.63
N VAL A 74 17.43 -16.51 -8.32
CA VAL A 74 16.36 -17.43 -8.67
C VAL A 74 15.79 -18.03 -7.39
N VAL A 75 14.46 -18.03 -7.29
CA VAL A 75 13.82 -18.64 -6.13
C VAL A 75 14.06 -20.14 -6.17
N VAL A 76 14.73 -20.66 -5.15
CA VAL A 76 14.92 -22.09 -5.01
C VAL A 76 14.06 -22.68 -3.90
N ALA A 77 13.58 -21.87 -2.96
CA ALA A 77 12.63 -22.41 -1.99
C ALA A 77 11.82 -21.27 -1.39
N TYR A 78 10.83 -21.63 -0.57
CA TYR A 78 10.11 -20.62 0.19
C TYR A 78 9.37 -21.25 1.36
N GLY A 79 9.12 -20.43 2.38
CA GLY A 79 8.47 -20.87 3.59
C GLY A 79 7.01 -21.23 3.37
N GLU A 80 6.42 -21.85 4.40
CA GLU A 80 5.11 -22.46 4.27
C GLU A 80 3.98 -21.45 4.05
N ASN A 81 4.16 -20.19 4.42
CA ASN A 81 3.10 -19.20 4.28
C ASN A 81 3.25 -18.34 3.05
N VAL A 82 4.21 -18.61 2.19
CA VAL A 82 4.45 -17.78 1.01
C VAL A 82 3.53 -18.20 -0.12
N THR A 83 2.84 -17.22 -0.71
CA THR A 83 1.98 -17.44 -1.86
C THR A 83 2.29 -16.40 -2.92
N GLY A 84 1.97 -16.73 -4.16
CA GLY A 84 2.25 -15.85 -5.29
C GLY A 84 3.62 -16.03 -5.88
N TRP A 85 4.43 -16.93 -5.35
CA TRP A 85 5.78 -17.18 -5.83
C TRP A 85 5.92 -18.65 -6.24
N GLU A 86 6.72 -18.88 -7.28
CA GLU A 86 6.99 -20.22 -7.78
C GLU A 86 8.49 -20.43 -7.93
N ILE A 87 8.92 -21.67 -7.67
CA ILE A 87 10.31 -22.03 -7.85
C ILE A 87 10.73 -21.72 -9.28
N GLY A 88 11.87 -21.05 -9.43
CA GLY A 88 12.35 -20.62 -10.72
C GLY A 88 12.09 -19.16 -11.04
N ASP A 89 11.17 -18.52 -10.31
CA ASP A 89 10.95 -17.09 -10.48
C ASP A 89 12.25 -16.34 -10.25
N TYR A 90 12.45 -15.25 -11.00
CA TYR A 90 13.55 -14.34 -10.72
C TYR A 90 13.11 -13.35 -9.66
N ALA A 91 14.01 -13.10 -8.70
CA ALA A 91 13.69 -12.25 -7.56
C ALA A 91 14.87 -11.35 -7.25
N GLY A 92 14.55 -10.16 -6.76
CA GLY A 92 15.54 -9.18 -6.35
C GLY A 92 15.50 -8.94 -4.86
N ILE A 93 16.68 -8.97 -4.24
CA ILE A 93 16.87 -8.63 -2.84
C ILE A 93 17.36 -7.19 -2.78
N LYS A 94 16.58 -6.33 -2.10
CA LYS A 94 16.80 -4.90 -2.01
C LYS A 94 17.12 -4.50 -0.58
N TRP A 95 17.40 -3.20 -0.41
CA TRP A 95 17.70 -2.64 0.91
C TRP A 95 16.68 -3.06 1.95
N LEU A 96 15.39 -2.85 1.66
CA LEU A 96 14.35 -3.28 2.59
C LEU A 96 14.10 -4.77 2.37
N ASN A 97 14.54 -5.58 3.32
CA ASN A 97 14.33 -7.01 3.24
C ASN A 97 12.94 -7.41 3.70
N GLY A 98 12.42 -6.73 4.72
CA GLY A 98 11.13 -7.06 5.30
C GLY A 98 10.74 -6.01 6.31
N SER A 99 9.44 -5.98 6.61
CA SER A 99 8.92 -5.03 7.59
C SER A 99 7.82 -5.73 8.41
N CYS A 100 7.34 -5.04 9.45
CA CYS A 100 6.45 -5.67 10.42
C CYS A 100 5.02 -5.85 9.89
N LEU A 101 4.61 -5.06 8.91
CA LEU A 101 3.31 -5.11 8.26
C LEU A 101 2.17 -4.60 9.13
N ASN A 102 2.42 -4.19 10.37
CA ASN A 102 1.35 -3.75 11.26
C ASN A 102 1.78 -2.54 12.07
N CYS A 103 2.30 -1.52 11.40
CA CYS A 103 2.55 -0.24 12.02
C CYS A 103 1.99 0.82 11.09
N GLU A 104 1.97 2.07 11.56
CA GLU A 104 1.38 3.15 10.76
C GLU A 104 2.13 3.32 9.45
N TYR A 105 3.43 3.03 9.43
CA TYR A 105 4.21 3.26 8.22
C TYR A 105 4.05 2.12 7.24
N CYS A 106 4.02 0.88 7.73
CA CYS A 106 3.79 -0.25 6.83
C CYS A 106 2.42 -0.18 6.18
N ILE A 107 1.38 0.18 6.94
CA ILE A 107 0.03 0.12 6.36
C ILE A 107 -0.25 1.25 5.40
N GLN A 108 0.53 2.34 5.43
CA GLN A 108 0.36 3.41 4.46
C GLN A 108 1.29 3.27 3.27
N GLY A 109 1.96 2.13 3.14
CA GLY A 109 2.89 1.93 2.03
C GLY A 109 4.25 2.55 2.21
N ALA A 110 4.63 2.88 3.44
CA ALA A 110 5.96 3.40 3.71
C ALA A 110 6.74 2.39 4.54
N GLU A 111 6.84 1.16 4.02
CA GLU A 111 7.44 0.07 4.78
C GLU A 111 8.88 0.35 5.15
N SER A 112 9.59 1.14 4.33
CA SER A 112 10.99 1.45 4.62
C SER A 112 11.15 2.31 5.86
N SER A 113 10.09 2.91 6.37
CA SER A 113 10.13 3.66 7.62
C SER A 113 9.75 2.80 8.82
N CYS A 114 9.44 1.52 8.60
CA CYS A 114 9.10 0.65 9.71
C CYS A 114 10.22 0.65 10.73
N ALA A 115 9.85 0.87 12.00
CA ALA A 115 10.83 0.82 13.07
C ALA A 115 11.47 -0.55 13.18
N LYS A 116 10.79 -1.60 12.71
CA LYS A 116 11.29 -2.96 12.76
C LYS A 116 11.75 -3.43 11.38
N ALA A 117 12.13 -2.48 10.53
CA ALA A 117 12.59 -2.83 9.19
C ALA A 117 13.83 -3.71 9.28
N ASP A 118 13.82 -4.78 8.49
CA ASP A 118 14.99 -5.61 8.27
C ASP A 118 15.69 -5.14 7.01
N LEU A 119 16.97 -4.83 7.12
CA LEU A 119 17.74 -4.21 6.04
C LEU A 119 18.80 -5.18 5.55
N SER A 120 18.72 -5.54 4.27
CA SER A 120 19.66 -6.47 3.67
C SER A 120 21.08 -5.94 3.74
N GLY A 121 21.99 -6.77 4.23
CA GLY A 121 23.37 -6.37 4.36
C GLY A 121 23.60 -5.33 5.45
N PHE A 122 22.70 -5.25 6.43
CA PHE A 122 22.84 -4.29 7.53
C PHE A 122 22.35 -4.93 8.83
N THR A 123 21.06 -5.25 8.90
CA THR A 123 20.52 -6.03 10.02
C THR A 123 20.28 -7.48 9.65
N HIS A 124 20.49 -7.85 8.39
CA HIS A 124 20.05 -9.14 7.86
C HIS A 124 21.00 -9.53 6.74
N ASP A 125 21.43 -10.79 6.74
CA ASP A 125 22.44 -11.23 5.77
C ASP A 125 21.95 -10.98 4.35
N GLY A 126 22.78 -10.33 3.55
CA GLY A 126 22.40 -9.76 2.26
C GLY A 126 22.80 -10.59 1.06
N SER A 127 23.16 -9.90 -0.02
CA SER A 127 23.29 -10.51 -1.33
C SER A 127 24.73 -10.91 -1.68
N PHE A 128 25.68 -10.71 -0.77
CA PHE A 128 27.06 -11.14 -1.01
C PHE A 128 27.29 -12.59 -0.59
N GLN A 129 26.28 -13.42 -0.83
CA GLN A 129 26.37 -14.85 -0.62
C GLN A 129 25.65 -15.53 -1.77
N GLN A 130 25.75 -16.85 -1.83
CA GLN A 130 25.14 -17.59 -2.93
C GLN A 130 23.67 -17.87 -2.67
N TYR A 131 23.26 -17.93 -1.41
CA TYR A 131 21.87 -18.19 -1.05
C TYR A 131 21.49 -17.24 0.07
N ALA A 132 20.44 -16.46 -0.17
CA ALA A 132 19.99 -15.45 0.79
C ALA A 132 18.49 -15.54 0.94
N THR A 133 18.01 -15.20 2.14
CA THR A 133 16.58 -15.18 2.41
C THR A 133 16.06 -13.76 2.27
N ALA A 134 14.79 -13.65 1.86
CA ALA A 134 14.18 -12.34 1.75
C ALA A 134 12.68 -12.48 2.00
N ASP A 135 12.11 -11.57 2.78
CA ASP A 135 10.67 -11.63 3.02
C ASP A 135 9.95 -11.58 1.68
N ALA A 136 9.00 -12.49 1.48
CA ALA A 136 8.36 -12.61 0.18
C ALA A 136 7.49 -11.42 -0.14
N THR A 137 7.02 -10.69 0.88
CA THR A 137 6.17 -9.53 0.65
C THR A 137 6.96 -8.37 0.05
N GLN A 138 8.25 -8.26 0.37
CA GLN A 138 9.08 -7.16 -0.11
C GLN A 138 9.96 -7.50 -1.30
N ALA A 139 10.16 -8.77 -1.60
CA ALA A 139 11.05 -9.13 -2.70
C ALA A 139 10.50 -8.59 -4.01
N ALA A 140 11.40 -8.13 -4.87
CA ALA A 140 11.04 -7.62 -6.20
C ALA A 140 10.93 -8.77 -7.19
N ARG A 141 9.87 -8.78 -7.99
CA ARG A 141 9.75 -9.73 -9.08
C ARG A 141 10.49 -9.20 -10.29
N ILE A 142 11.44 -9.98 -10.80
CA ILE A 142 12.27 -9.58 -11.93
C ILE A 142 11.77 -10.33 -13.17
N PRO A 143 11.44 -9.62 -14.26
CA PRO A 143 10.99 -10.33 -15.47
C PRO A 143 12.05 -11.28 -15.99
N LYS A 144 11.59 -12.36 -16.62
CA LYS A 144 12.51 -13.34 -17.21
C LYS A 144 13.30 -12.77 -18.37
N GLU A 145 12.84 -11.70 -19.00
CA GLU A 145 13.56 -11.06 -20.09
C GLU A 145 14.73 -10.20 -19.62
N ALA A 146 14.92 -10.05 -18.32
CA ALA A 146 15.94 -9.16 -17.78
C ALA A 146 17.20 -9.95 -17.46
N ASP A 147 18.34 -9.38 -17.81
CA ASP A 147 19.64 -9.95 -17.43
C ASP A 147 19.88 -9.70 -15.94
N LEU A 148 20.06 -10.78 -15.17
CA LEU A 148 20.15 -10.65 -13.71
C LEU A 148 21.33 -9.76 -13.31
N ALA A 149 22.47 -9.90 -13.98
CA ALA A 149 23.61 -9.07 -13.66
C ALA A 149 23.31 -7.60 -13.91
N GLU A 150 22.76 -7.29 -15.09
CA GLU A 150 22.50 -5.90 -15.46
C GLU A 150 21.40 -5.28 -14.60
N VAL A 151 20.40 -6.06 -14.18
CA VAL A 151 19.32 -5.49 -13.39
C VAL A 151 19.73 -5.29 -11.95
N ALA A 152 20.76 -6.00 -11.47
CA ALA A 152 21.13 -5.89 -10.06
C ALA A 152 21.29 -4.45 -9.58
N PRO A 153 22.03 -3.56 -10.25
CA PRO A 153 22.14 -2.18 -9.73
C PRO A 153 20.87 -1.36 -9.87
N ILE A 154 19.94 -1.73 -10.75
CA ILE A 154 18.67 -1.02 -10.81
C ILE A 154 17.95 -1.17 -9.47
N LEU A 155 18.18 -2.27 -8.77
CA LEU A 155 17.52 -2.55 -7.50
C LEU A 155 17.87 -1.54 -6.40
N CYS A 156 18.92 -0.74 -6.59
CA CYS A 156 19.30 0.27 -5.63
C CYS A 156 19.37 1.62 -6.31
N ALA A 157 20.39 1.82 -7.15
CA ALA A 157 20.58 3.13 -7.78
C ALA A 157 19.39 3.50 -8.65
N GLY A 158 18.89 2.56 -9.45
CA GLY A 158 17.81 2.89 -10.37
C GLY A 158 16.53 3.27 -9.64
N ILE A 159 16.09 2.41 -8.74
CA ILE A 159 14.87 2.73 -7.99
C ILE A 159 15.06 4.03 -7.22
N THR A 160 16.26 4.24 -6.66
CA THR A 160 16.48 5.45 -5.85
C THR A 160 16.33 6.72 -6.68
N VAL A 161 16.98 6.79 -7.84
CA VAL A 161 16.89 8.03 -8.60
C VAL A 161 15.50 8.18 -9.21
N TYR A 162 14.85 7.06 -9.56
CA TYR A 162 13.48 7.15 -10.05
C TYR A 162 12.57 7.72 -8.97
N LYS A 163 12.69 7.21 -7.74
CA LYS A 163 11.91 7.74 -6.63
C LYS A 163 12.22 9.21 -6.40
N ALA A 164 13.49 9.61 -6.52
CA ALA A 164 13.83 11.01 -6.33
C ALA A 164 13.14 11.88 -7.37
N LEU A 165 13.07 11.41 -8.62
CA LEU A 165 12.39 12.19 -9.65
C LEU A 165 10.89 12.25 -9.39
N LYS A 166 10.30 11.16 -8.93
CA LYS A 166 8.89 11.21 -8.54
C LYS A 166 8.68 12.19 -7.40
N THR A 167 9.63 12.24 -6.45
CA THR A 167 9.54 13.18 -5.34
C THR A 167 9.57 14.62 -5.85
N ALA A 168 10.36 14.87 -6.91
CA ALA A 168 10.39 16.22 -7.48
C ALA A 168 9.03 16.64 -8.04
N ASP A 169 8.20 15.68 -8.42
CA ASP A 169 6.81 15.90 -8.83
C ASP A 169 6.71 16.97 -9.93
N LEU A 170 7.39 16.71 -11.03
CA LEU A 170 7.47 17.66 -12.13
C LEU A 170 6.52 17.27 -13.26
N ARG A 171 6.16 18.28 -14.04
CA ARG A 171 5.34 18.12 -15.24
C ARG A 171 6.24 17.85 -16.44
N ILE A 172 5.73 17.08 -17.40
CA ILE A 172 6.49 16.80 -18.61
C ILE A 172 6.94 18.11 -19.27
N GLY A 173 8.19 18.13 -19.73
CA GLY A 173 8.75 19.31 -20.35
C GLY A 173 9.41 20.28 -19.39
N GLN A 174 9.23 20.10 -18.09
CA GLN A 174 9.87 20.99 -17.14
C GLN A 174 11.35 20.67 -17.02
N TRP A 175 12.10 21.62 -16.47
CA TRP A 175 13.52 21.46 -16.24
C TRP A 175 13.78 20.77 -14.93
N VAL A 176 14.68 19.79 -14.96
CA VAL A 176 15.25 19.22 -13.75
C VAL A 176 16.75 19.37 -13.83
N ALA A 177 17.34 19.93 -12.78
CA ALA A 177 18.78 19.98 -12.63
C ALA A 177 19.21 18.74 -11.85
N ILE A 178 20.22 18.04 -12.34
CA ILE A 178 20.75 16.87 -11.65
C ILE A 178 22.15 17.23 -11.20
N SER A 179 22.32 17.41 -9.90
CA SER A 179 23.62 17.77 -9.37
C SER A 179 24.41 16.49 -9.12
N GLY A 180 25.60 16.41 -9.70
CA GLY A 180 26.35 15.17 -9.72
C GLY A 180 25.96 14.24 -10.86
N ALA A 181 25.67 14.84 -12.02
CA ALA A 181 25.04 14.12 -13.13
C ALA A 181 25.98 13.14 -13.84
N GLY A 182 27.30 13.29 -13.69
CA GLY A 182 28.25 12.47 -14.41
C GLY A 182 28.73 11.23 -13.70
N GLY A 183 28.37 11.05 -12.42
CA GLY A 183 28.68 9.83 -11.71
C GLY A 183 27.74 8.69 -12.09
N GLY A 184 27.93 7.53 -11.46
CA GLY A 184 27.08 6.39 -11.75
C GLY A 184 25.63 6.67 -11.42
N LEU A 185 25.38 7.10 -10.18
CA LEU A 185 24.03 7.44 -9.74
C LEU A 185 23.43 8.55 -10.61
N GLY A 186 24.19 9.63 -10.80
CA GLY A 186 23.68 10.75 -11.56
C GLY A 186 23.39 10.39 -13.01
N SER A 187 24.23 9.56 -13.62
CA SER A 187 23.99 9.18 -15.00
C SER A 187 22.68 8.41 -15.13
N LEU A 188 22.41 7.53 -14.16
CA LEU A 188 21.09 6.89 -14.14
C LEU A 188 19.98 7.92 -13.99
N ALA A 189 20.16 8.91 -13.12
CA ALA A 189 19.12 9.91 -12.94
C ALA A 189 18.84 10.66 -14.23
N VAL A 190 19.89 11.00 -14.99
CA VAL A 190 19.68 11.64 -16.28
C VAL A 190 18.79 10.77 -17.16
N GLN A 191 19.11 9.48 -17.23
CA GLN A 191 18.35 8.62 -18.15
C GLN A 191 16.89 8.51 -17.74
N TYR A 192 16.63 8.29 -16.45
CA TYR A 192 15.25 8.22 -16.00
C TYR A 192 14.52 9.54 -16.23
N ALA A 193 15.20 10.68 -16.02
CA ALA A 193 14.55 11.96 -16.25
C ALA A 193 14.17 12.11 -17.71
N LYS A 194 15.05 11.70 -18.63
CA LYS A 194 14.68 11.77 -20.04
C LYS A 194 13.50 10.86 -20.34
N ALA A 195 13.45 9.67 -19.73
CA ALA A 195 12.31 8.79 -19.98
C ALA A 195 11.00 9.41 -19.49
N LEU A 196 11.07 10.27 -18.47
CA LEU A 196 9.90 10.95 -17.96
C LEU A 196 9.60 12.23 -18.73
N GLY A 197 10.30 12.46 -19.84
CA GLY A 197 10.01 13.60 -20.68
C GLY A 197 10.47 14.93 -20.14
N LEU A 198 11.42 14.94 -19.22
CA LEU A 198 11.93 16.16 -18.64
C LEU A 198 13.12 16.70 -19.45
N ARG A 199 13.29 18.02 -19.41
CA ARG A 199 14.51 18.65 -19.89
C ARG A 199 15.54 18.62 -18.78
N VAL A 200 16.74 18.14 -19.08
CA VAL A 200 17.77 17.88 -18.07
C VAL A 200 18.90 18.87 -18.19
N LEU A 201 19.22 19.54 -17.09
CA LEU A 201 20.46 20.28 -16.92
C LEU A 201 21.31 19.49 -15.95
N GLY A 202 22.51 19.10 -16.40
CA GLY A 202 23.44 18.35 -15.56
C GLY A 202 24.50 19.27 -15.00
N ILE A 203 24.84 19.06 -13.74
CA ILE A 203 25.92 19.78 -13.08
C ILE A 203 26.91 18.75 -12.60
N ASP A 204 28.17 18.91 -12.98
CA ASP A 204 29.23 18.09 -12.41
C ASP A 204 30.56 18.76 -12.72
N GLY A 205 31.66 18.07 -12.43
CA GLY A 205 32.98 18.64 -12.63
C GLY A 205 33.77 17.91 -13.69
N GLY A 206 34.23 18.64 -14.69
CA GLY A 206 35.13 18.09 -15.70
C GLY A 206 34.46 17.91 -17.05
N ALA A 207 35.22 18.25 -18.11
CA ALA A 207 34.71 18.14 -19.47
C ALA A 207 34.42 16.69 -19.85
N ASP A 208 35.13 15.72 -19.26
CA ASP A 208 34.82 14.33 -19.54
C ASP A 208 33.40 13.98 -19.06
N LYS A 209 33.07 14.37 -17.83
CA LYS A 209 31.71 14.17 -17.35
C LYS A 209 30.71 14.96 -18.18
N GLY A 210 31.08 16.16 -18.64
CA GLY A 210 30.17 16.94 -19.47
C GLY A 210 29.81 16.22 -20.77
N GLU A 211 30.82 15.71 -21.47
CA GLU A 211 30.57 14.93 -22.68
C GLU A 211 29.68 13.76 -22.37
N PHE A 212 29.98 13.05 -21.29
CA PHE A 212 29.19 11.90 -20.91
C PHE A 212 27.72 12.28 -20.68
N VAL A 213 27.49 13.33 -19.90
CA VAL A 213 26.13 13.75 -19.57
C VAL A 213 25.37 14.14 -20.83
N LYS A 214 26.02 14.87 -21.74
CA LYS A 214 25.36 15.19 -23.01
C LYS A 214 25.01 13.94 -23.80
N SER A 215 25.90 12.95 -23.77
CA SER A 215 25.65 11.73 -24.55
C SER A 215 24.44 10.97 -24.05
N LEU A 216 24.01 11.23 -22.81
CA LEU A 216 22.84 10.60 -22.24
C LEU A 216 21.56 11.40 -22.51
N GLY A 217 21.67 12.52 -23.21
CA GLY A 217 20.50 13.28 -23.61
C GLY A 217 20.27 14.55 -22.84
N ALA A 218 21.16 14.92 -21.92
CA ALA A 218 20.99 16.18 -21.21
C ALA A 218 21.11 17.34 -22.20
N GLU A 219 20.21 18.31 -22.07
CA GLU A 219 20.21 19.47 -22.96
C GLU A 219 21.35 20.43 -22.63
N VAL A 220 21.74 20.52 -21.36
CA VAL A 220 22.71 21.50 -20.88
C VAL A 220 23.58 20.84 -19.82
N PHE A 221 24.86 21.21 -19.79
CA PHE A 221 25.79 20.79 -18.74
C PHE A 221 26.47 22.02 -18.18
N VAL A 222 26.56 22.10 -16.85
CA VAL A 222 27.28 23.15 -16.16
C VAL A 222 28.47 22.52 -15.45
N ASP A 223 29.68 22.96 -15.79
CA ASP A 223 30.90 22.41 -15.23
C ASP A 223 31.33 23.26 -14.04
N PHE A 224 31.22 22.72 -12.82
CA PHE A 224 31.56 23.56 -11.67
C PHE A 224 33.06 23.78 -11.52
N THR A 225 33.91 23.10 -12.31
CA THR A 225 35.33 23.44 -12.29
C THR A 225 35.64 24.62 -13.20
N LYS A 226 34.70 25.05 -14.03
CA LYS A 226 34.92 26.13 -14.98
C LYS A 226 33.82 27.18 -14.95
N THR A 227 32.88 27.09 -14.01
CA THR A 227 31.80 28.07 -13.87
C THR A 227 32.00 28.86 -12.59
N LYS A 228 32.19 30.18 -12.72
CA LYS A 228 32.47 31.01 -11.55
C LYS A 228 31.26 31.12 -10.63
N ASP A 229 30.07 31.28 -11.20
CA ASP A 229 28.85 31.48 -10.43
C ASP A 229 27.84 30.42 -10.88
N VAL A 230 27.90 29.24 -10.26
CA VAL A 230 27.04 28.13 -10.66
C VAL A 230 25.57 28.52 -10.53
N VAL A 231 25.21 29.17 -9.43
CA VAL A 231 23.81 29.57 -9.23
C VAL A 231 23.32 30.43 -10.39
N ALA A 232 24.07 31.50 -10.70
CA ALA A 232 23.65 32.41 -11.76
C ALA A 232 23.60 31.69 -13.11
N GLU A 233 24.57 30.81 -13.37
CA GLU A 233 24.60 30.10 -14.65
C GLU A 233 23.39 29.18 -14.79
N VAL A 234 23.06 28.44 -13.73
CA VAL A 234 21.94 27.54 -13.80
C VAL A 234 20.64 28.32 -13.99
N GLN A 235 20.49 29.45 -13.29
CA GLN A 235 19.29 30.26 -13.45
C GLN A 235 19.19 30.80 -14.87
N LYS A 236 20.31 31.26 -15.43
CA LYS A 236 20.28 31.81 -16.77
C LYS A 236 19.90 30.76 -17.80
N LEU A 237 20.50 29.57 -17.68
CA LEU A 237 20.27 28.53 -18.68
C LEU A 237 18.85 27.99 -18.64
N THR A 238 18.13 28.13 -17.52
CA THR A 238 16.76 27.65 -17.40
C THR A 238 15.75 28.79 -17.34
N ASN A 239 16.17 30.00 -17.70
CA ASN A 239 15.31 31.18 -17.70
C ASN A 239 14.59 31.35 -16.36
N GLY A 240 15.33 31.21 -15.27
CA GLY A 240 14.78 31.52 -13.96
C GLY A 240 15.03 30.47 -12.91
N GLY A 241 15.49 29.30 -13.35
CA GLY A 241 15.79 28.21 -12.45
C GLY A 241 15.05 26.95 -12.84
N PRO A 242 15.62 25.80 -12.51
CA PRO A 242 14.95 24.53 -12.82
C PRO A 242 13.73 24.31 -11.94
N HIS A 243 12.69 23.71 -12.53
CA HIS A 243 11.50 23.43 -11.77
C HIS A 243 11.77 22.44 -10.64
N GLY A 244 12.73 21.53 -10.86
CA GLY A 244 13.17 20.62 -9.81
C GLY A 244 14.66 20.44 -9.86
N VAL A 245 15.22 19.99 -8.74
CA VAL A 245 16.63 19.61 -8.67
C VAL A 245 16.77 18.32 -7.87
N ILE A 246 17.57 17.40 -8.38
CA ILE A 246 17.90 16.16 -7.69
C ILE A 246 19.34 16.28 -7.23
N ASN A 247 19.55 16.31 -5.91
CA ASN A 247 20.90 16.38 -5.37
C ASN A 247 21.47 14.97 -5.23
N VAL A 248 21.92 14.43 -6.36
CA VAL A 248 22.53 13.11 -6.37
C VAL A 248 23.88 13.17 -5.69
N SER A 249 24.65 14.21 -5.97
CA SER A 249 25.83 14.52 -5.19
C SER A 249 25.39 14.92 -3.79
N VAL A 250 26.02 14.36 -2.77
CA VAL A 250 25.71 14.72 -1.40
C VAL A 250 26.65 15.83 -0.91
N SER A 251 27.22 16.59 -1.83
CA SER A 251 28.00 17.76 -1.48
C SER A 251 27.16 18.78 -0.73
N PRO A 252 27.55 19.18 0.47
CA PRO A 252 26.79 20.22 1.17
C PRO A 252 26.74 21.54 0.41
N HIS A 253 27.85 21.93 -0.20
CA HIS A 253 27.86 23.18 -0.96
C HIS A 253 26.90 23.09 -2.15
N ALA A 254 26.91 21.95 -2.86
CA ALA A 254 26.04 21.80 -4.02
C ALA A 254 24.57 21.81 -3.61
N ILE A 255 24.23 21.15 -2.51
CA ILE A 255 22.86 21.18 -2.01
C ILE A 255 22.44 22.62 -1.72
N ASN A 256 23.31 23.36 -1.02
CA ASN A 256 22.99 24.73 -0.67
C ASN A 256 22.89 25.62 -1.89
N GLN A 257 23.66 25.32 -2.95
CA GLN A 257 23.52 26.04 -4.20
C GLN A 257 22.15 25.75 -4.83
N SER A 258 21.72 24.48 -4.75
CA SER A 258 20.45 24.10 -5.36
C SER A 258 19.29 24.83 -4.72
N VAL A 259 19.37 25.09 -3.40
CA VAL A 259 18.32 25.87 -2.76
C VAL A 259 18.23 27.26 -3.39
N GLN A 260 19.36 27.80 -3.84
CA GLN A 260 19.38 29.17 -4.36
C GLN A 260 18.95 29.23 -5.81
N TYR A 261 19.33 28.25 -6.64
CA TYR A 261 19.03 28.37 -8.06
C TYR A 261 17.68 27.74 -8.46
N VAL A 262 17.03 26.98 -7.59
CA VAL A 262 15.75 26.38 -7.96
C VAL A 262 14.73 27.45 -8.32
N ARG A 263 13.84 27.12 -9.23
CA ARG A 263 12.81 28.06 -9.65
C ARG A 263 11.84 28.37 -8.51
N THR A 264 11.22 29.54 -8.61
CA THR A 264 10.05 29.83 -7.80
C THR A 264 9.06 28.67 -7.90
N LEU A 265 8.52 28.26 -6.76
CA LEU A 265 7.63 27.11 -6.59
C LEU A 265 8.32 25.78 -6.82
N GLY A 266 9.65 25.77 -6.83
CA GLY A 266 10.37 24.58 -7.23
C GLY A 266 10.60 23.59 -6.11
N LYS A 267 11.04 22.40 -6.51
CA LYS A 267 11.24 21.28 -5.62
C LYS A 267 12.73 20.95 -5.60
N VAL A 268 13.33 21.00 -4.41
CA VAL A 268 14.70 20.60 -4.17
C VAL A 268 14.67 19.25 -3.49
N VAL A 269 15.20 18.23 -4.14
CA VAL A 269 15.14 16.87 -3.64
C VAL A 269 16.49 16.47 -3.08
N LEU A 270 16.49 15.95 -1.87
CA LEU A 270 17.66 15.43 -1.20
C LEU A 270 17.65 13.91 -1.29
N VAL A 271 18.81 13.33 -1.56
CA VAL A 271 18.96 11.89 -1.80
C VAL A 271 20.17 11.40 -1.01
N GLY A 272 20.10 10.18 -0.51
CA GLY A 272 21.24 9.57 0.13
C GLY A 272 21.37 9.90 1.61
N LEU A 273 22.36 9.28 2.24
CA LEU A 273 22.52 9.35 3.70
C LEU A 273 23.93 9.83 4.03
N PRO A 274 24.22 11.11 3.80
CA PRO A 274 25.55 11.64 4.10
C PRO A 274 25.78 11.81 5.58
N SER A 275 27.05 12.01 5.93
CA SER A 275 27.46 12.29 7.30
C SER A 275 27.74 13.78 7.44
N GLY A 276 27.05 14.43 8.36
CA GLY A 276 27.32 15.81 8.69
C GLY A 276 26.95 16.82 7.63
N ALA A 277 26.20 16.44 6.60
CA ALA A 277 25.74 17.39 5.61
C ALA A 277 24.51 18.12 6.13
N VAL A 278 24.54 19.45 6.05
CA VAL A 278 23.47 20.30 6.57
C VAL A 278 23.04 21.26 5.48
N VAL A 279 21.77 21.25 5.13
CA VAL A 279 21.25 22.21 4.17
C VAL A 279 20.84 23.46 4.93
N ASN A 280 21.22 24.61 4.39
CA ASN A 280 20.88 25.91 4.95
C ASN A 280 19.98 26.62 3.95
N SER A 281 18.86 27.14 4.43
CA SER A 281 17.90 27.82 3.56
C SER A 281 17.47 29.11 4.22
N ASP A 282 17.70 30.22 3.54
CA ASP A 282 17.23 31.50 4.00
C ASP A 282 15.70 31.51 4.00
N VAL A 283 15.11 31.79 5.15
CA VAL A 283 13.67 31.65 5.31
C VAL A 283 12.92 32.65 4.45
N PHE A 284 13.41 33.89 4.38
CA PHE A 284 12.77 34.90 3.55
C PHE A 284 12.58 34.41 2.12
N TRP A 285 13.65 33.89 1.51
CA TRP A 285 13.55 33.44 0.13
C TRP A 285 12.81 32.12 0.01
N HIS A 286 12.93 31.26 1.02
CA HIS A 286 12.19 30.00 1.02
C HIS A 286 10.70 30.27 0.96
N VAL A 287 10.25 31.27 1.70
CA VAL A 287 8.84 31.65 1.71
C VAL A 287 8.47 32.41 0.45
N LEU A 288 9.24 33.45 0.12
CA LEU A 288 8.89 34.28 -1.03
C LEU A 288 8.78 33.45 -2.30
N LYS A 289 9.63 32.43 -2.45
CA LYS A 289 9.60 31.55 -3.63
C LYS A 289 8.82 30.26 -3.39
N SER A 290 8.24 30.07 -2.22
CA SER A 290 7.46 28.88 -1.89
C SER A 290 8.17 27.61 -2.33
N ILE A 291 9.46 27.51 -2.02
CA ILE A 291 10.20 26.31 -2.42
C ILE A 291 9.88 25.17 -1.47
N GLU A 292 10.09 23.95 -1.95
CA GLU A 292 9.90 22.73 -1.15
C GLU A 292 11.21 21.96 -1.14
N ILE A 293 11.77 21.72 0.04
CA ILE A 293 12.96 20.88 0.18
C ILE A 293 12.50 19.53 0.72
N LYS A 294 12.56 18.50 -0.12
CA LYS A 294 11.94 17.21 0.12
C LYS A 294 12.99 16.11 0.17
N GLY A 295 12.95 15.30 1.22
CA GLY A 295 13.80 14.12 1.29
C GLY A 295 13.19 12.98 0.50
N SER A 296 14.05 12.25 -0.20
CA SER A 296 13.63 11.11 -1.00
C SER A 296 14.48 9.91 -0.59
N TYR A 297 13.85 8.91 0.00
CA TYR A 297 14.58 7.81 0.63
C TYR A 297 14.64 6.63 -0.32
N VAL A 298 13.92 5.55 -0.03
CA VAL A 298 13.94 4.36 -0.88
C VAL A 298 12.58 4.22 -1.52
N GLY A 299 12.57 3.71 -2.75
CA GLY A 299 11.31 3.53 -3.44
C GLY A 299 10.49 2.44 -2.81
N ASN A 300 9.17 2.60 -2.87
CA ASN A 300 8.28 1.55 -2.39
C ASN A 300 8.12 0.54 -3.52
N ARG A 301 7.21 -0.43 -3.34
CA ARG A 301 7.10 -1.51 -4.30
C ARG A 301 6.53 -1.03 -5.63
N GLU A 302 5.68 -0.01 -5.61
CA GLU A 302 5.22 0.58 -6.87
C GLU A 302 6.37 1.26 -7.61
N ASP A 303 7.15 2.09 -6.89
CA ASP A 303 8.33 2.72 -7.50
C ASP A 303 9.25 1.66 -8.06
N SER A 304 9.47 0.58 -7.30
CA SER A 304 10.35 -0.49 -7.72
C SER A 304 9.88 -1.10 -9.04
N ALA A 305 8.60 -1.47 -9.10
CA ALA A 305 8.10 -2.09 -10.33
C ALA A 305 8.24 -1.16 -11.53
N GLU A 306 7.92 0.14 -11.35
CA GLU A 306 8.04 1.08 -12.46
C GLU A 306 9.50 1.25 -12.91
N ALA A 307 10.44 1.41 -11.97
CA ALA A 307 11.84 1.61 -12.33
C ALA A 307 12.41 0.39 -13.04
N ILE A 308 12.09 -0.80 -12.53
CA ILE A 308 12.56 -2.02 -13.17
C ILE A 308 11.95 -2.16 -14.55
N ASP A 309 10.68 -1.79 -14.71
CA ASP A 309 10.05 -1.89 -16.01
C ASP A 309 10.73 -0.98 -17.02
N LEU A 310 11.07 0.24 -16.61
CA LEU A 310 11.76 1.13 -17.54
C LEU A 310 13.10 0.54 -17.95
N PHE A 311 13.80 -0.11 -17.00
CA PHE A 311 15.04 -0.81 -17.37
C PHE A 311 14.78 -1.94 -18.36
N THR A 312 13.79 -2.77 -18.07
CA THR A 312 13.52 -3.93 -18.92
C THR A 312 13.08 -3.53 -20.31
N ARG A 313 12.38 -2.39 -20.45
CA ARG A 313 12.01 -1.87 -21.76
C ARG A 313 13.19 -1.24 -22.49
N GLY A 314 14.36 -1.18 -21.88
CA GLY A 314 15.55 -0.67 -22.53
C GLY A 314 15.76 0.83 -22.44
N LEU A 315 14.94 1.53 -21.66
CA LEU A 315 15.03 2.98 -21.63
C LEU A 315 16.09 3.52 -20.68
N VAL A 316 16.65 2.67 -19.82
CA VAL A 316 17.77 3.07 -18.96
C VAL A 316 18.80 1.95 -18.98
N LYS A 317 20.07 2.35 -19.02
CA LYS A 317 21.19 1.42 -19.06
C LYS A 317 22.19 1.80 -17.99
N ALA A 318 22.68 0.80 -17.25
CA ALA A 318 23.64 0.99 -16.17
C ALA A 318 24.80 0.06 -16.44
N PRO A 319 25.79 0.47 -17.24
CA PRO A 319 26.89 -0.43 -17.58
C PRO A 319 27.58 -0.97 -16.33
N ILE A 320 27.95 -2.26 -16.38
CA ILE A 320 28.51 -2.94 -15.22
C ILE A 320 29.83 -3.61 -15.59
N LYS A 321 30.65 -3.81 -14.57
CA LYS A 321 31.85 -4.63 -14.65
C LYS A 321 31.64 -5.84 -13.76
N ILE A 322 31.58 -7.02 -14.37
CA ILE A 322 31.31 -8.26 -13.63
C ILE A 322 32.62 -8.82 -13.10
N ILE A 323 32.70 -9.01 -11.80
CA ILE A 323 33.82 -9.66 -11.14
C ILE A 323 33.29 -10.82 -10.30
N GLY A 324 34.20 -11.51 -9.63
CA GLY A 324 33.83 -12.62 -8.79
C GLY A 324 33.55 -12.18 -7.37
N LEU A 325 32.60 -12.87 -6.74
CA LEU A 325 32.34 -12.66 -5.32
C LEU A 325 33.64 -12.80 -4.52
N SER A 326 34.48 -13.77 -4.88
CA SER A 326 35.76 -13.96 -4.20
C SER A 326 36.62 -12.71 -4.25
N GLU A 327 36.43 -11.84 -5.23
CA GLU A 327 37.22 -10.63 -5.36
C GLU A 327 36.63 -9.43 -4.64
N LEU A 328 35.47 -9.60 -4.00
CA LEU A 328 34.69 -8.46 -3.52
C LEU A 328 35.51 -7.57 -2.57
N ALA A 329 36.38 -8.17 -1.76
CA ALA A 329 37.15 -7.37 -0.81
C ALA A 329 37.85 -6.22 -1.52
N LYS A 330 38.39 -6.45 -2.72
CA LYS A 330 39.10 -5.38 -3.40
C LYS A 330 38.18 -4.17 -3.59
N VAL A 331 36.95 -4.41 -4.04
CA VAL A 331 36.02 -3.30 -4.23
C VAL A 331 35.88 -2.51 -2.94
N TYR A 332 35.65 -3.21 -1.82
CA TYR A 332 35.57 -2.51 -0.55
C TYR A 332 36.79 -1.63 -0.38
N GLU A 333 37.98 -2.21 -0.53
CA GLU A 333 39.20 -1.45 -0.35
C GLU A 333 39.17 -0.21 -1.23
N GLN A 334 38.85 -0.37 -2.52
CA GLN A 334 38.78 0.79 -3.38
C GLN A 334 37.81 1.81 -2.84
N MET A 335 36.58 1.38 -2.50
CA MET A 335 35.62 2.31 -1.93
C MET A 335 36.16 2.96 -0.67
N GLU A 336 36.87 2.19 0.17
CA GLU A 336 37.44 2.76 1.38
C GLU A 336 38.46 3.82 1.02
N ALA A 337 39.31 3.53 0.04
CA ALA A 337 40.20 4.55 -0.48
C ALA A 337 39.42 5.40 -1.47
N GLY A 338 40.02 6.48 -1.94
CA GLY A 338 39.39 7.20 -3.02
C GLY A 338 39.19 6.28 -4.20
N ALA A 339 38.20 6.59 -5.04
CA ALA A 339 37.92 5.67 -6.11
C ALA A 339 37.37 6.38 -7.33
N ILE A 340 38.04 6.17 -8.45
CA ILE A 340 37.60 6.58 -9.77
C ILE A 340 37.37 5.29 -10.55
N ILE A 341 36.31 4.56 -10.20
CA ILE A 341 36.08 3.23 -10.75
C ILE A 341 34.60 3.08 -11.06
N GLY A 342 34.30 2.19 -12.00
CA GLY A 342 32.96 1.94 -12.46
C GLY A 342 32.06 1.23 -11.47
N ARG A 343 31.00 0.66 -12.02
CA ARG A 343 29.94 -0.02 -11.28
C ARG A 343 30.20 -1.52 -11.29
N TYR A 344 30.51 -2.09 -10.12
CA TYR A 344 30.83 -3.51 -10.02
C TYR A 344 29.62 -4.38 -9.68
N VAL A 345 29.55 -5.54 -10.34
CA VAL A 345 28.56 -6.57 -10.06
C VAL A 345 29.32 -7.87 -9.82
N VAL A 346 29.17 -8.47 -8.65
CA VAL A 346 29.85 -9.71 -8.31
C VAL A 346 29.03 -10.89 -8.78
N ASP A 347 29.70 -11.84 -9.43
CA ASP A 347 29.14 -13.14 -9.78
C ASP A 347 29.39 -14.09 -8.62
N THR A 348 28.31 -14.63 -8.04
CA THR A 348 28.45 -15.41 -6.82
C THR A 348 29.04 -16.79 -7.08
N SER A 349 29.13 -17.23 -8.33
CA SER A 349 29.76 -18.50 -8.66
C SER A 349 31.26 -18.40 -8.85
N LYS A 350 31.83 -17.19 -8.74
CA LYS A 350 33.26 -17.00 -8.92
C LYS A 350 33.85 -16.18 -7.78
N THR B 4 -8.61 -22.35 27.24
CA THR B 4 -9.52 -23.48 27.22
C THR B 4 -10.35 -23.49 25.94
N ILE B 5 -9.90 -24.27 24.96
CA ILE B 5 -10.45 -24.25 23.62
C ILE B 5 -11.14 -25.60 23.39
N PRO B 6 -12.47 -25.65 23.26
CA PRO B 6 -13.14 -26.92 22.96
C PRO B 6 -12.67 -27.49 21.63
N THR B 7 -13.09 -28.73 21.38
CA THR B 7 -12.88 -29.39 20.10
C THR B 7 -14.10 -29.36 19.20
N THR B 8 -15.27 -29.02 19.76
CA THR B 8 -16.52 -28.96 19.03
C THR B 8 -17.23 -27.66 19.36
N GLN B 9 -18.00 -27.16 18.39
CA GLN B 9 -18.62 -25.85 18.52
C GLN B 9 -19.92 -25.83 17.73
N LYS B 10 -20.76 -24.85 18.02
CA LYS B 10 -21.95 -24.61 17.23
C LYS B 10 -21.63 -23.72 16.04
N ALA B 11 -22.35 -23.95 14.95
CA ALA B 11 -22.19 -23.13 13.76
C ALA B 11 -23.42 -23.28 12.88
N VAL B 12 -23.63 -22.29 12.01
CA VAL B 12 -24.65 -22.35 10.97
C VAL B 12 -23.93 -22.56 9.65
N ILE B 13 -24.14 -23.73 9.05
CA ILE B 13 -23.37 -24.18 7.91
C ILE B 13 -24.32 -24.77 6.88
N PHE B 14 -23.97 -24.60 5.60
CA PHE B 14 -24.71 -25.23 4.52
C PHE B 14 -23.75 -26.01 3.63
N GLU B 15 -24.26 -27.10 3.07
CA GLU B 15 -23.46 -28.01 2.28
C GLU B 15 -23.65 -27.81 0.78
N THR B 16 -24.71 -27.13 0.38
CA THR B 16 -24.95 -26.80 -1.02
C THR B 16 -25.54 -25.40 -1.08
N ASN B 17 -25.29 -24.72 -2.20
CA ASN B 17 -25.87 -23.39 -2.40
C ASN B 17 -27.38 -23.49 -2.45
N GLY B 18 -28.04 -22.60 -1.69
CA GLY B 18 -29.48 -22.69 -1.51
C GLY B 18 -29.93 -23.86 -0.67
N GLY B 19 -29.00 -24.65 -0.12
CA GLY B 19 -29.36 -25.77 0.70
C GLY B 19 -29.77 -25.34 2.09
N PRO B 20 -30.09 -26.32 2.93
CA PRO B 20 -30.51 -26.02 4.30
C PRO B 20 -29.41 -25.38 5.11
N LEU B 21 -29.77 -24.33 5.84
CA LEU B 21 -28.86 -23.64 6.76
C LEU B 21 -28.95 -24.35 8.10
N GLU B 22 -27.99 -25.24 8.35
CA GLU B 22 -28.05 -26.15 9.48
C GLU B 22 -27.28 -25.56 10.67
N TYR B 23 -27.97 -25.38 11.78
CA TYR B 23 -27.34 -25.03 13.05
C TYR B 23 -26.98 -26.33 13.76
N LYS B 24 -25.68 -26.63 13.85
CA LYS B 24 -25.26 -27.92 14.35
C LYS B 24 -23.85 -27.82 14.94
N ASP B 25 -23.33 -28.98 15.35
CA ASP B 25 -21.97 -29.09 15.84
C ASP B 25 -21.00 -29.31 14.68
N ILE B 26 -19.88 -28.61 14.74
CA ILE B 26 -18.76 -28.83 13.82
C ILE B 26 -17.47 -28.74 14.62
N PRO B 27 -16.38 -29.25 14.07
CA PRO B 27 -15.10 -29.15 14.78
C PRO B 27 -14.62 -27.71 14.87
N VAL B 28 -13.88 -27.43 15.94
CA VAL B 28 -13.21 -26.14 16.09
C VAL B 28 -12.00 -26.15 15.17
N PRO B 29 -11.85 -25.19 14.28
CA PRO B 29 -10.69 -25.21 13.37
C PRO B 29 -9.40 -24.93 14.13
N LYS B 30 -8.31 -25.46 13.60
CA LYS B 30 -7.00 -25.13 14.13
C LYS B 30 -6.33 -24.11 13.24
N PRO B 31 -5.82 -23.00 13.79
CA PRO B 31 -5.24 -21.96 12.93
C PRO B 31 -4.00 -22.44 12.18
N LYS B 32 -3.89 -22.02 10.93
CA LYS B 32 -2.65 -22.17 10.20
C LYS B 32 -1.58 -21.29 10.84
N SER B 33 -0.36 -21.40 10.32
CA SER B 33 0.80 -20.76 10.94
C SER B 33 0.65 -19.24 10.99
N ASN B 34 -0.09 -18.66 10.05
CA ASN B 34 -0.24 -17.22 9.94
C ASN B 34 -1.55 -16.71 10.54
N GLU B 35 -2.35 -17.60 11.11
CA GLU B 35 -3.74 -17.28 11.42
C GLU B 35 -3.97 -17.14 12.91
N LEU B 36 -4.94 -16.31 13.24
CA LEU B 36 -5.54 -16.26 14.55
C LEU B 36 -6.69 -17.25 14.62
N LEU B 37 -6.86 -17.83 15.80
CA LEU B 37 -8.08 -18.51 16.17
C LEU B 37 -8.84 -17.59 17.12
N ILE B 38 -10.00 -17.13 16.66
CA ILE B 38 -10.81 -16.14 17.36
C ILE B 38 -12.07 -16.83 17.86
N ASN B 39 -12.36 -16.63 19.14
CA ASN B 39 -13.66 -17.02 19.69
C ASN B 39 -14.64 -15.90 19.35
N VAL B 40 -15.39 -16.11 18.26
CA VAL B 40 -16.33 -15.09 17.77
C VAL B 40 -17.45 -14.95 18.79
N LYS B 41 -17.56 -13.78 19.42
CA LYS B 41 -18.63 -13.53 20.37
C LYS B 41 -19.90 -13.08 19.67
N TYR B 42 -19.78 -12.22 18.67
CA TYR B 42 -20.93 -11.70 17.94
C TYR B 42 -20.60 -11.62 16.46
N SER B 43 -21.64 -11.67 15.63
CA SER B 43 -21.43 -11.45 14.20
C SER B 43 -22.60 -10.68 13.60
N GLY B 44 -22.29 -9.65 12.82
CA GLY B 44 -23.29 -9.00 12.00
C GLY B 44 -23.72 -9.88 10.84
N VAL B 45 -24.82 -9.48 10.20
CA VAL B 45 -25.36 -10.17 9.04
C VAL B 45 -25.80 -9.13 8.01
N CYS B 46 -25.57 -9.43 6.73
CA CYS B 46 -26.09 -8.58 5.67
C CYS B 46 -26.33 -9.42 4.42
N HIS B 47 -26.84 -8.78 3.36
CA HIS B 47 -27.25 -9.48 2.16
C HIS B 47 -26.08 -10.18 1.46
N THR B 48 -24.84 -9.75 1.70
CA THR B 48 -23.71 -10.47 1.14
C THR B 48 -23.78 -11.93 1.55
N ASP B 49 -24.19 -12.21 2.79
CA ASP B 49 -24.33 -13.58 3.24
C ASP B 49 -25.45 -14.29 2.49
N LEU B 50 -26.55 -13.57 2.23
CA LEU B 50 -27.62 -14.12 1.40
C LEU B 50 -27.08 -14.59 0.06
N HIS B 51 -26.30 -13.74 -0.62
CA HIS B 51 -25.82 -14.09 -1.94
C HIS B 51 -24.74 -15.16 -1.89
N ALA B 52 -23.94 -15.20 -0.81
CA ALA B 52 -23.01 -16.31 -0.64
C ALA B 52 -23.77 -17.63 -0.59
N TRP B 53 -24.82 -17.69 0.23
CA TRP B 53 -25.61 -18.91 0.36
C TRP B 53 -26.30 -19.25 -0.95
N LYS B 54 -26.91 -18.26 -1.60
CA LYS B 54 -27.65 -18.51 -2.84
C LYS B 54 -26.73 -18.89 -3.99
N GLY B 55 -25.47 -18.46 -3.96
CA GLY B 55 -24.60 -18.66 -5.10
C GLY B 55 -24.94 -17.77 -6.27
N ASP B 56 -25.59 -16.63 -6.01
CA ASP B 56 -26.01 -15.72 -7.07
C ASP B 56 -24.82 -15.16 -7.85
N TRP B 57 -23.71 -15.01 -7.21
CA TRP B 57 -22.65 -14.19 -7.75
C TRP B 57 -21.71 -14.99 -8.64
N PRO B 58 -21.12 -14.35 -9.65
CA PRO B 58 -20.18 -15.05 -10.53
C PRO B 58 -18.83 -15.30 -9.87
N LEU B 59 -18.80 -15.29 -8.54
CA LEU B 59 -17.61 -15.66 -7.78
C LEU B 59 -17.84 -17.02 -7.13
N ASP B 60 -16.84 -17.89 -7.25
CA ASP B 60 -16.96 -19.26 -6.75
C ASP B 60 -16.85 -19.28 -5.23
N ASN B 61 -17.84 -19.87 -4.57
CA ASN B 61 -17.81 -20.02 -3.12
C ASN B 61 -17.47 -21.45 -2.72
N LYS B 62 -17.03 -21.60 -1.48
CA LYS B 62 -16.66 -22.89 -0.93
C LYS B 62 -17.90 -23.65 -0.50
N LEU B 63 -17.82 -24.99 -0.56
CA LEU B 63 -18.90 -25.85 -0.09
C LEU B 63 -18.26 -27.08 0.55
N PRO B 64 -18.67 -27.48 1.77
CA PRO B 64 -19.62 -26.77 2.63
C PRO B 64 -19.04 -25.44 3.10
N LEU B 65 -19.82 -24.63 3.81
CA LEU B 65 -19.35 -23.30 4.16
C LEU B 65 -20.08 -22.79 5.38
N VAL B 66 -19.31 -22.27 6.34
CA VAL B 66 -19.85 -21.42 7.39
C VAL B 66 -19.83 -19.99 6.86
N GLY B 67 -20.98 -19.34 6.82
CA GLY B 67 -21.07 -17.99 6.34
C GLY B 67 -20.62 -16.99 7.39
N GLY B 68 -20.80 -15.71 7.06
CA GLY B 68 -20.53 -14.64 8.00
C GLY B 68 -19.23 -13.92 7.70
N HIS B 69 -19.25 -12.59 7.73
CA HIS B 69 -18.07 -11.80 7.45
C HIS B 69 -18.01 -10.54 8.30
N GLU B 70 -18.70 -10.54 9.45
CA GLU B 70 -18.71 -9.38 10.34
C GLU B 70 -18.59 -9.87 11.78
N GLY B 71 -17.49 -10.55 12.10
CA GLY B 71 -17.34 -11.19 13.40
C GLY B 71 -16.42 -10.39 14.32
N ALA B 72 -16.85 -10.21 15.56
CA ALA B 72 -16.03 -9.58 16.59
C ALA B 72 -15.85 -10.58 17.73
N GLY B 73 -14.60 -10.81 18.12
CA GLY B 73 -14.35 -11.81 19.13
C GLY B 73 -13.01 -11.64 19.81
N VAL B 74 -12.61 -12.70 20.51
CA VAL B 74 -11.44 -12.69 21.38
C VAL B 74 -10.44 -13.69 20.82
N VAL B 75 -9.18 -13.26 20.69
CA VAL B 75 -8.14 -14.15 20.21
C VAL B 75 -7.88 -15.20 21.29
N VAL B 76 -8.12 -16.46 20.96
CA VAL B 76 -7.82 -17.55 21.87
C VAL B 76 -6.56 -18.32 21.47
N ALA B 77 -6.17 -18.25 20.21
CA ALA B 77 -4.89 -18.85 19.84
C ALA B 77 -4.38 -18.18 18.57
N TYR B 78 -3.17 -18.55 18.18
CA TYR B 78 -2.62 -18.13 16.90
C TYR B 78 -1.46 -19.03 16.53
N GLY B 79 -1.20 -19.10 15.23
CA GLY B 79 -0.15 -19.96 14.73
C GLY B 79 1.22 -19.50 15.19
N GLU B 80 2.20 -20.39 14.99
CA GLU B 80 3.52 -20.16 15.56
C GLU B 80 4.23 -18.97 14.93
N ASN B 81 3.80 -18.55 13.74
CA ASN B 81 4.46 -17.47 13.02
C ASN B 81 3.73 -16.14 13.14
N VAL B 82 2.71 -16.06 14.00
CA VAL B 82 1.95 -14.83 14.19
C VAL B 82 2.72 -13.94 15.16
N THR B 83 2.83 -12.66 14.83
CA THR B 83 3.48 -11.67 15.69
C THR B 83 2.57 -10.47 15.85
N GLY B 84 2.77 -9.75 16.96
CA GLY B 84 1.97 -8.56 17.23
C GLY B 84 0.64 -8.81 17.89
N TRP B 85 0.30 -10.05 18.21
CA TRP B 85 -0.97 -10.39 18.82
C TRP B 85 -0.74 -11.09 20.16
N GLU B 86 -1.65 -10.84 21.09
CA GLU B 86 -1.61 -11.45 22.41
C GLU B 86 -2.94 -12.13 22.69
N ILE B 87 -2.89 -13.27 23.38
CA ILE B 87 -4.10 -13.97 23.76
C ILE B 87 -4.98 -13.03 24.56
N GLY B 88 -6.25 -12.96 24.22
CA GLY B 88 -7.18 -12.06 24.86
C GLY B 88 -7.45 -10.77 24.10
N ASP B 89 -6.62 -10.44 23.12
CA ASP B 89 -6.88 -9.29 22.26
C ASP B 89 -8.23 -9.45 21.56
N TYR B 90 -8.89 -8.32 21.34
CA TYR B 90 -10.10 -8.30 20.52
C TYR B 90 -9.73 -8.20 19.05
N ALA B 91 -10.42 -9.01 18.22
CA ALA B 91 -10.13 -9.10 16.81
C ALA B 91 -11.43 -9.14 16.02
N GLY B 92 -11.38 -8.58 14.81
CA GLY B 92 -12.50 -8.61 13.90
C GLY B 92 -12.18 -9.41 12.66
N ILE B 93 -13.09 -10.31 12.28
CA ILE B 93 -13.00 -11.08 11.05
C ILE B 93 -13.92 -10.40 10.04
N LYS B 94 -13.33 -9.96 8.92
CA LYS B 94 -13.99 -9.14 7.92
C LYS B 94 -14.10 -9.90 6.61
N TRP B 95 -14.78 -9.25 5.65
CA TRP B 95 -14.94 -9.83 4.31
C TRP B 95 -13.61 -10.32 3.75
N LEU B 96 -12.59 -9.47 3.77
CA LEU B 96 -11.27 -9.91 3.32
C LEU B 96 -10.59 -10.63 4.48
N ASN B 97 -10.47 -11.94 4.38
CA ASN B 97 -9.80 -12.73 5.40
C ASN B 97 -8.29 -12.66 5.22
N GLY B 98 -7.84 -12.64 3.97
CA GLY B 98 -6.42 -12.65 3.66
C GLY B 98 -6.19 -12.41 2.19
N SER B 99 -4.97 -11.95 1.88
CA SER B 99 -4.53 -11.74 0.52
C SER B 99 -3.05 -12.08 0.45
N CYS B 100 -2.50 -12.04 -0.76
CA CYS B 100 -1.11 -12.47 -0.93
C CYS B 100 -0.12 -11.44 -0.42
N LEU B 101 -0.51 -10.17 -0.35
CA LEU B 101 0.27 -9.04 0.16
C LEU B 101 1.39 -8.57 -0.78
N ASN B 102 1.59 -9.21 -1.94
CA ASN B 102 2.63 -8.76 -2.86
C ASN B 102 2.22 -9.02 -4.31
N CYS B 103 1.14 -8.39 -4.76
CA CYS B 103 0.76 -8.40 -6.17
C CYS B 103 0.43 -6.98 -6.61
N GLU B 104 0.09 -6.82 -7.89
CA GLU B 104 -0.15 -5.47 -8.40
C GLU B 104 -1.24 -4.76 -7.60
N TYR B 105 -2.21 -5.52 -7.07
CA TYR B 105 -3.29 -4.88 -6.32
C TYR B 105 -2.97 -4.72 -4.85
N CYS B 106 -2.36 -5.75 -4.24
CA CYS B 106 -1.98 -5.65 -2.83
C CYS B 106 -1.00 -4.51 -2.60
N ILE B 107 -0.06 -4.30 -3.52
CA ILE B 107 0.95 -3.27 -3.27
C ILE B 107 0.38 -1.85 -3.39
N GLN B 108 -0.80 -1.69 -3.99
CA GLN B 108 -1.50 -0.41 -4.03
C GLN B 108 -2.49 -0.23 -2.90
N GLY B 109 -2.53 -1.14 -1.94
CA GLY B 109 -3.53 -1.05 -0.89
C GLY B 109 -4.90 -1.51 -1.32
N ALA B 110 -4.99 -2.24 -2.42
CA ALA B 110 -6.25 -2.79 -2.90
C ALA B 110 -6.25 -4.30 -2.67
N GLU B 111 -6.04 -4.71 -1.41
CA GLU B 111 -5.89 -6.13 -1.12
C GLU B 111 -7.13 -6.93 -1.48
N SER B 112 -8.31 -6.32 -1.38
CA SER B 112 -9.52 -7.05 -1.69
C SER B 112 -9.63 -7.38 -3.17
N SER B 113 -8.79 -6.78 -4.02
CA SER B 113 -8.77 -7.12 -5.44
C SER B 113 -7.76 -8.19 -5.76
N CYS B 114 -7.01 -8.67 -4.76
CA CYS B 114 -6.02 -9.72 -4.97
C CYS B 114 -6.67 -10.92 -5.63
N ALA B 115 -6.01 -11.46 -6.67
CA ALA B 115 -6.51 -12.66 -7.31
C ALA B 115 -6.62 -13.82 -6.33
N LYS B 116 -5.82 -13.79 -5.27
CA LYS B 116 -5.80 -14.86 -4.28
C LYS B 116 -6.48 -14.43 -2.99
N ALA B 117 -7.41 -13.48 -3.05
CA ALA B 117 -8.09 -13.05 -1.85
C ALA B 117 -8.90 -14.19 -1.24
N ASP B 118 -8.76 -14.37 0.07
CA ASP B 118 -9.61 -15.26 0.85
C ASP B 118 -10.72 -14.45 1.47
N LEU B 119 -11.96 -14.84 1.21
CA LEU B 119 -13.13 -14.07 1.59
C LEU B 119 -13.90 -14.80 2.68
N SER B 120 -14.02 -14.17 3.84
CA SER B 120 -14.73 -14.76 4.96
C SER B 120 -16.18 -14.98 4.59
N GLY B 121 -16.69 -16.18 4.87
CA GLY B 121 -18.06 -16.49 4.52
C GLY B 121 -18.31 -16.63 3.05
N PHE B 122 -17.27 -16.93 2.26
CA PHE B 122 -17.42 -17.14 0.82
C PHE B 122 -16.45 -18.22 0.36
N THR B 123 -15.14 -17.97 0.48
CA THR B 123 -14.13 -18.98 0.22
C THR B 123 -13.57 -19.58 1.50
N HIS B 124 -13.96 -19.07 2.66
CA HIS B 124 -13.30 -19.39 3.92
C HIS B 124 -14.36 -19.31 5.01
N ASP B 125 -14.38 -20.30 5.89
CA ASP B 125 -15.42 -20.36 6.92
C ASP B 125 -15.41 -19.08 7.73
N GLY B 126 -16.57 -18.44 7.86
CA GLY B 126 -16.66 -17.08 8.35
C GLY B 126 -17.05 -17.00 9.81
N SER B 127 -17.84 -15.96 10.12
CA SER B 127 -18.07 -15.55 11.50
C SER B 127 -19.34 -16.13 12.11
N PHE B 128 -20.07 -16.97 11.38
CA PHE B 128 -21.27 -17.61 11.91
C PHE B 128 -20.94 -18.90 12.67
N GLN B 129 -19.82 -18.92 13.37
CA GLN B 129 -19.43 -20.02 14.23
C GLN B 129 -18.83 -19.43 15.49
N GLN B 130 -18.55 -20.31 16.46
CA GLN B 130 -18.01 -19.84 17.74
C GLN B 130 -16.50 -19.65 17.68
N TYR B 131 -15.82 -20.36 16.79
CA TYR B 131 -14.37 -20.23 16.63
C TYR B 131 -14.06 -20.20 15.15
N ALA B 132 -13.40 -19.13 14.70
CA ALA B 132 -13.07 -18.96 13.31
C ALA B 132 -11.62 -18.53 13.17
N THR B 133 -11.00 -18.93 12.06
CA THR B 133 -9.63 -18.56 11.77
C THR B 133 -9.59 -17.34 10.85
N ALA B 134 -8.55 -16.51 11.01
CA ALA B 134 -8.39 -15.35 10.16
C ALA B 134 -6.92 -14.97 10.09
N ASP B 135 -6.44 -14.61 8.91
CA ASP B 135 -5.06 -14.17 8.77
C ASP B 135 -4.77 -13.01 9.71
N ALA B 136 -3.64 -13.11 10.43
CA ALA B 136 -3.35 -12.14 11.49
C ALA B 136 -3.04 -10.76 10.94
N THR B 137 -2.54 -10.66 9.71
CA THR B 137 -2.20 -9.35 9.15
C THR B 137 -3.44 -8.56 8.74
N GLN B 138 -4.49 -9.24 8.29
CA GLN B 138 -5.67 -8.54 7.79
C GLN B 138 -6.71 -8.33 8.85
N ALA B 139 -6.67 -9.10 9.93
CA ALA B 139 -7.71 -9.02 10.95
C ALA B 139 -7.76 -7.61 11.52
N ALA B 140 -8.97 -7.18 11.88
CA ALA B 140 -9.13 -5.85 12.44
C ALA B 140 -8.76 -5.84 13.91
N ARG B 141 -8.01 -4.81 14.29
CA ARG B 141 -7.66 -4.57 15.68
C ARG B 141 -8.82 -3.84 16.34
N ILE B 142 -9.43 -4.46 17.35
CA ILE B 142 -10.55 -3.85 18.05
C ILE B 142 -10.06 -3.41 19.42
N PRO B 143 -10.17 -2.13 19.79
CA PRO B 143 -9.77 -1.71 21.13
C PRO B 143 -10.59 -2.43 22.19
N LYS B 144 -9.98 -2.61 23.37
CA LYS B 144 -10.68 -3.24 24.47
C LYS B 144 -11.85 -2.39 24.95
N GLU B 145 -11.84 -1.10 24.62
CA GLU B 145 -12.92 -0.21 25.01
C GLU B 145 -14.17 -0.39 24.16
N ALA B 146 -14.12 -1.23 23.13
CA ALA B 146 -15.21 -1.36 22.18
C ALA B 146 -16.11 -2.52 22.56
N ASP B 147 -17.42 -2.28 22.47
CA ASP B 147 -18.40 -3.34 22.66
C ASP B 147 -18.42 -4.24 21.43
N LEU B 148 -18.13 -5.52 21.61
CA LEU B 148 -17.97 -6.41 20.47
C LEU B 148 -19.24 -6.49 19.63
N ALA B 149 -20.41 -6.56 20.30
CA ALA B 149 -21.66 -6.60 19.57
C ALA B 149 -21.87 -5.32 18.78
N GLU B 150 -21.63 -4.17 19.40
CA GLU B 150 -21.87 -2.89 18.74
C GLU B 150 -20.90 -2.68 17.57
N VAL B 151 -19.67 -3.16 17.71
CA VAL B 151 -18.67 -2.94 16.66
C VAL B 151 -18.82 -3.91 15.51
N ALA B 152 -19.47 -5.07 15.73
CA ALA B 152 -19.56 -6.07 14.67
C ALA B 152 -20.02 -5.51 13.33
N PRO B 153 -21.09 -4.69 13.26
CA PRO B 153 -21.51 -4.18 11.95
C PRO B 153 -20.57 -3.14 11.35
N ILE B 154 -19.78 -2.45 12.19
CA ILE B 154 -18.79 -1.52 11.66
C ILE B 154 -17.81 -2.24 10.75
N LEU B 155 -17.55 -3.52 11.01
CA LEU B 155 -16.59 -4.28 10.24
C LEU B 155 -16.97 -4.41 8.77
N CYS B 156 -18.23 -4.13 8.42
CA CYS B 156 -18.69 -4.23 7.04
C CYS B 156 -19.33 -2.91 6.62
N ALA B 157 -20.50 -2.61 7.17
CA ALA B 157 -21.23 -1.40 6.77
C ALA B 157 -20.41 -0.14 7.08
N GLY B 158 -19.83 -0.08 8.28
CA GLY B 158 -19.13 1.14 8.68
C GLY B 158 -17.91 1.41 7.83
N ILE B 159 -17.02 0.42 7.72
CA ILE B 159 -15.83 0.59 6.89
C ILE B 159 -16.24 0.87 5.44
N THR B 160 -17.27 0.20 4.97
CA THR B 160 -17.67 0.34 3.57
C THR B 160 -18.11 1.78 3.26
N VAL B 161 -18.97 2.36 4.11
CA VAL B 161 -19.43 3.73 3.81
C VAL B 161 -18.30 4.74 4.06
N TYR B 162 -17.44 4.48 5.05
CA TYR B 162 -16.30 5.35 5.26
C TYR B 162 -15.39 5.38 4.02
N LYS B 163 -15.07 4.19 3.49
CA LYS B 163 -14.26 4.10 2.28
C LYS B 163 -14.95 4.78 1.12
N ALA B 164 -16.28 4.65 1.03
CA ALA B 164 -17.00 5.31 -0.05
C ALA B 164 -16.82 6.83 0.03
N LEU B 165 -16.86 7.37 1.24
CA LEU B 165 -16.70 8.81 1.39
C LEU B 165 -15.28 9.23 1.04
N LYS B 166 -14.28 8.43 1.41
CA LYS B 166 -12.92 8.74 0.96
C LYS B 166 -12.83 8.70 -0.56
N THR B 167 -13.51 7.73 -1.18
CA THR B 167 -13.51 7.64 -2.63
C THR B 167 -14.13 8.89 -3.26
N ALA B 168 -15.12 9.49 -2.61
CA ALA B 168 -15.70 10.73 -3.13
C ALA B 168 -14.69 11.87 -3.16
N ASP B 169 -13.65 11.81 -2.33
CA ASP B 169 -12.54 12.75 -2.37
C ASP B 169 -13.02 14.20 -2.27
N LEU B 170 -13.72 14.49 -1.17
CA LEU B 170 -14.30 15.80 -0.98
C LEU B 170 -13.48 16.61 0.03
N ARG B 171 -13.57 17.93 -0.11
CA ARG B 171 -12.98 18.87 0.82
C ARG B 171 -13.93 19.22 1.95
N ILE B 172 -13.37 19.59 3.10
CA ILE B 172 -14.20 20.04 4.21
C ILE B 172 -15.09 21.18 3.77
N GLY B 173 -16.36 21.13 4.16
CA GLY B 173 -17.31 22.13 3.78
C GLY B 173 -18.03 21.85 2.49
N GLN B 174 -17.59 20.85 1.73
CA GLN B 174 -18.30 20.53 0.50
C GLN B 174 -19.55 19.72 0.83
N TRP B 175 -20.46 19.67 -0.15
CA TRP B 175 -21.70 18.93 -0.05
C TRP B 175 -21.54 17.49 -0.49
N VAL B 176 -22.12 16.58 0.29
CA VAL B 176 -22.30 15.20 -0.11
C VAL B 176 -23.78 14.82 0.03
N ALA B 177 -24.34 14.24 -1.02
CA ALA B 177 -25.67 13.67 -0.97
C ALA B 177 -25.56 12.18 -0.65
N ILE B 178 -26.38 11.71 0.28
CA ILE B 178 -26.40 10.30 0.63
C ILE B 178 -27.78 9.74 0.27
N SER B 179 -27.80 8.84 -0.69
CA SER B 179 -29.07 8.25 -1.12
C SER B 179 -29.41 7.08 -0.21
N GLY B 180 -30.65 7.02 0.26
CA GLY B 180 -31.00 6.00 1.22
C GLY B 180 -30.51 6.35 2.60
N ALA B 181 -30.57 7.64 2.96
CA ALA B 181 -29.86 8.12 4.13
C ALA B 181 -30.46 7.63 5.44
N GLY B 182 -31.71 7.17 5.43
CA GLY B 182 -32.37 6.75 6.64
C GLY B 182 -32.27 5.28 6.97
N GLY B 183 -31.72 4.47 6.08
CA GLY B 183 -31.47 3.07 6.37
C GLY B 183 -30.24 2.89 7.24
N GLY B 184 -29.94 1.63 7.55
CA GLY B 184 -28.79 1.36 8.41
C GLY B 184 -27.49 1.83 7.78
N LEU B 185 -27.23 1.39 6.56
CA LEU B 185 -26.03 1.80 5.84
C LEU B 185 -25.98 3.30 5.65
N GLY B 186 -27.08 3.89 5.17
CA GLY B 186 -27.10 5.32 4.94
C GLY B 186 -26.93 6.13 6.21
N SER B 187 -27.54 5.67 7.30
CA SER B 187 -27.40 6.38 8.56
C SER B 187 -25.95 6.38 9.03
N LEU B 188 -25.27 5.24 8.87
CA LEU B 188 -23.83 5.23 9.15
C LEU B 188 -23.11 6.24 8.26
N ALA B 189 -23.46 6.28 6.97
CA ALA B 189 -22.79 7.18 6.05
C ALA B 189 -22.98 8.64 6.46
N VAL B 190 -24.18 9.02 6.89
CA VAL B 190 -24.40 10.38 7.36
C VAL B 190 -23.45 10.71 8.50
N GLN B 191 -23.36 9.80 9.48
CA GLN B 191 -22.51 10.10 10.63
C GLN B 191 -21.04 10.22 10.24
N TYR B 192 -20.54 9.28 9.43
CA TYR B 192 -19.15 9.37 8.99
C TYR B 192 -18.90 10.64 8.19
N ALA B 193 -19.85 11.03 7.34
CA ALA B 193 -19.67 12.25 6.57
C ALA B 193 -19.57 13.47 7.48
N LYS B 194 -20.38 13.50 8.55
CA LYS B 194 -20.24 14.58 9.52
C LYS B 194 -18.86 14.56 10.16
N ALA B 195 -18.33 13.37 10.45
CA ALA B 195 -17.00 13.30 11.05
C ALA B 195 -15.93 13.86 10.11
N LEU B 196 -16.18 13.82 8.79
CA LEU B 196 -15.25 14.36 7.80
C LEU B 196 -15.51 15.82 7.48
N GLY B 197 -16.38 16.50 8.22
CA GLY B 197 -16.61 17.91 8.00
C GLY B 197 -17.42 18.24 6.76
N LEU B 198 -18.18 17.28 6.25
CA LEU B 198 -18.99 17.51 5.06
C LEU B 198 -20.38 18.01 5.43
N ARG B 199 -20.95 18.81 4.54
CA ARG B 199 -22.36 19.19 4.63
C ARG B 199 -23.17 18.08 3.99
N VAL B 200 -24.13 17.52 4.72
CA VAL B 200 -24.81 16.31 4.31
C VAL B 200 -26.23 16.64 3.86
N LEU B 201 -26.56 16.21 2.65
CA LEU B 201 -27.93 16.17 2.17
C LEU B 201 -28.34 14.71 2.11
N GLY B 202 -29.39 14.36 2.83
CA GLY B 202 -29.92 13.01 2.84
C GLY B 202 -31.17 12.91 1.97
N ILE B 203 -31.28 11.80 1.25
CA ILE B 203 -32.45 11.48 0.45
C ILE B 203 -33.03 10.16 0.95
N ASP B 204 -34.31 10.16 1.28
CA ASP B 204 -34.99 8.91 1.60
C ASP B 204 -36.49 9.17 1.51
N GLY B 205 -37.29 8.20 1.93
CA GLY B 205 -38.74 8.31 1.85
C GLY B 205 -39.42 8.35 3.20
N GLY B 206 -40.20 9.38 3.44
CA GLY B 206 -41.00 9.45 4.66
C GLY B 206 -40.46 10.46 5.64
N ALA B 207 -41.38 11.18 6.30
CA ALA B 207 -40.97 12.18 7.28
C ALA B 207 -40.28 11.53 8.48
N ASP B 208 -40.62 10.27 8.77
CA ASP B 208 -39.95 9.57 9.88
C ASP B 208 -38.47 9.41 9.59
N LYS B 209 -38.12 8.93 8.40
CA LYS B 209 -36.72 8.84 8.01
C LYS B 209 -36.08 10.23 7.99
N GLY B 210 -36.84 11.24 7.56
CA GLY B 210 -36.28 12.58 7.51
C GLY B 210 -35.89 13.13 8.86
N GLU B 211 -36.78 13.01 9.84
CA GLU B 211 -36.45 13.46 11.19
C GLU B 211 -35.23 12.72 11.73
N PHE B 212 -35.17 11.40 11.50
CA PHE B 212 -34.02 10.61 11.93
C PHE B 212 -32.73 11.13 11.29
N VAL B 213 -32.74 11.32 9.97
CA VAL B 213 -31.55 11.78 9.26
C VAL B 213 -31.12 13.15 9.77
N LYS B 214 -32.09 14.04 10.01
CA LYS B 214 -31.74 15.35 10.56
C LYS B 214 -31.09 15.22 11.93
N SER B 215 -31.57 14.29 12.75
CA SER B 215 -31.01 14.13 14.08
C SER B 215 -29.58 13.62 14.05
N LEU B 216 -29.14 13.06 12.93
CA LEU B 216 -27.77 12.57 12.79
C LEU B 216 -26.82 13.63 12.25
N GLY B 217 -27.31 14.85 12.00
CA GLY B 217 -26.47 15.95 11.57
C GLY B 217 -26.64 16.36 10.13
N ALA B 218 -27.55 15.75 9.38
CA ALA B 218 -27.78 16.17 8.02
C ALA B 218 -28.31 17.59 8.00
N GLU B 219 -27.75 18.42 7.11
CA GLU B 219 -28.19 19.80 7.00
C GLU B 219 -29.56 19.89 6.32
N VAL B 220 -29.84 18.98 5.37
CA VAL B 220 -31.04 19.02 4.55
C VAL B 220 -31.51 17.60 4.29
N PHE B 221 -32.81 17.43 4.17
CA PHE B 221 -33.41 16.15 3.79
C PHE B 221 -34.36 16.35 2.63
N VAL B 222 -34.28 15.46 1.64
CA VAL B 222 -35.20 15.44 0.52
C VAL B 222 -36.00 14.14 0.58
N ASP B 223 -37.30 14.27 0.73
CA ASP B 223 -38.22 13.15 0.87
C ASP B 223 -38.74 12.78 -0.51
N PHE B 224 -38.31 11.63 -1.05
CA PHE B 224 -38.75 11.31 -2.40
C PHE B 224 -40.21 10.88 -2.47
N THR B 225 -40.88 10.69 -1.32
CA THR B 225 -42.32 10.44 -1.35
C THR B 225 -43.12 11.71 -1.49
N LYS B 226 -42.47 12.87 -1.42
CA LYS B 226 -43.17 14.15 -1.49
C LYS B 226 -42.59 15.09 -2.54
N THR B 227 -41.37 14.87 -2.99
CA THR B 227 -40.70 15.77 -3.91
C THR B 227 -40.79 15.16 -5.30
N LYS B 228 -41.46 15.90 -6.20
CA LYS B 228 -41.73 15.40 -7.54
C LYS B 228 -40.44 15.26 -8.35
N ASP B 229 -39.55 16.23 -8.26
CA ASP B 229 -38.34 16.26 -9.08
C ASP B 229 -37.15 16.30 -8.13
N VAL B 230 -36.70 15.10 -7.73
CA VAL B 230 -35.61 14.99 -6.77
C VAL B 230 -34.35 15.63 -7.33
N VAL B 231 -34.04 15.38 -8.59
CA VAL B 231 -32.83 15.94 -9.20
C VAL B 231 -32.80 17.46 -9.04
N ALA B 232 -33.87 18.13 -9.47
CA ALA B 232 -33.91 19.59 -9.39
C ALA B 232 -33.82 20.06 -7.94
N GLU B 233 -34.50 19.36 -7.03
CA GLU B 233 -34.49 19.82 -5.63
C GLU B 233 -33.09 19.73 -5.05
N VAL B 234 -32.40 18.61 -5.32
CA VAL B 234 -31.05 18.43 -4.79
C VAL B 234 -30.10 19.47 -5.39
N GLN B 235 -30.26 19.77 -6.69
CA GLN B 235 -29.43 20.79 -7.32
C GLN B 235 -29.66 22.17 -6.70
N LYS B 236 -30.92 22.53 -6.45
CA LYS B 236 -31.21 23.85 -5.88
C LYS B 236 -30.70 23.96 -4.46
N LEU B 237 -30.94 22.93 -3.66
CA LEU B 237 -30.61 22.98 -2.22
C LEU B 237 -29.12 23.07 -1.98
N THR B 238 -28.30 22.62 -2.92
CA THR B 238 -26.85 22.66 -2.77
C THR B 238 -26.24 23.74 -3.65
N ASN B 239 -27.07 24.65 -4.16
CA ASN B 239 -26.61 25.77 -4.98
C ASN B 239 -25.77 25.30 -6.17
N GLY B 240 -26.24 24.23 -6.81
CA GLY B 240 -25.67 23.76 -8.07
C GLY B 240 -25.49 22.26 -8.16
N GLY B 241 -25.59 21.56 -7.02
CA GLY B 241 -25.47 20.11 -6.99
C GLY B 241 -24.43 19.71 -5.95
N PRO B 242 -24.57 18.51 -5.36
CA PRO B 242 -23.57 18.08 -4.38
C PRO B 242 -22.25 17.76 -5.04
N HIS B 243 -21.17 18.15 -4.37
CA HIS B 243 -19.82 17.86 -4.86
C HIS B 243 -19.58 16.37 -4.92
N GLY B 244 -20.19 15.62 -4.01
CA GLY B 244 -20.11 14.18 -4.04
C GLY B 244 -21.46 13.56 -3.74
N VAL B 245 -21.60 12.31 -4.16
CA VAL B 245 -22.79 11.53 -3.86
C VAL B 245 -22.38 10.10 -3.49
N ILE B 246 -22.96 9.57 -2.42
CA ILE B 246 -22.80 8.18 -2.02
C ILE B 246 -24.11 7.48 -2.33
N ASN B 247 -24.08 6.54 -3.29
CA ASN B 247 -25.27 5.77 -3.65
C ASN B 247 -25.38 4.55 -2.73
N VAL B 248 -25.88 4.81 -1.51
CA VAL B 248 -26.13 3.72 -0.57
C VAL B 248 -27.31 2.89 -1.04
N SER B 249 -28.38 3.55 -1.46
CA SER B 249 -29.49 2.85 -2.09
C SER B 249 -29.06 2.30 -3.44
N VAL B 250 -29.35 1.02 -3.66
CA VAL B 250 -29.01 0.36 -4.91
C VAL B 250 -30.21 0.30 -5.84
N SER B 251 -31.24 1.11 -5.59
CA SER B 251 -32.31 1.30 -6.56
C SER B 251 -31.72 1.91 -7.84
N PRO B 252 -31.91 1.29 -9.00
CA PRO B 252 -31.39 1.93 -10.23
C PRO B 252 -31.90 3.34 -10.43
N HIS B 253 -33.15 3.62 -10.07
CA HIS B 253 -33.70 4.96 -10.21
C HIS B 253 -32.88 5.99 -9.42
N ALA B 254 -32.57 5.68 -8.17
CA ALA B 254 -31.82 6.60 -7.34
C ALA B 254 -30.40 6.80 -7.87
N ILE B 255 -29.75 5.72 -8.31
CA ILE B 255 -28.40 5.81 -8.86
C ILE B 255 -28.38 6.74 -10.07
N ASN B 256 -29.31 6.50 -10.99
CA ASN B 256 -29.34 7.28 -12.21
C ASN B 256 -29.67 8.74 -11.92
N GLN B 257 -30.47 9.01 -10.89
CA GLN B 257 -30.67 10.41 -10.50
C GLN B 257 -29.38 11.03 -9.99
N SER B 258 -28.57 10.24 -9.26
CA SER B 258 -27.34 10.79 -8.72
C SER B 258 -26.44 11.31 -9.82
N VAL B 259 -26.40 10.60 -10.96
CA VAL B 259 -25.60 11.09 -12.08
C VAL B 259 -26.08 12.45 -12.58
N GLN B 260 -27.38 12.73 -12.43
CA GLN B 260 -27.93 13.97 -12.96
C GLN B 260 -27.75 15.12 -11.97
N TYR B 261 -27.89 14.89 -10.67
CA TYR B 261 -27.84 16.03 -9.76
C TYR B 261 -26.45 16.37 -9.24
N VAL B 262 -25.45 15.52 -9.47
CA VAL B 262 -24.10 15.84 -8.98
C VAL B 262 -23.62 17.17 -9.59
N ARG B 263 -22.82 17.90 -8.83
CA ARG B 263 -22.27 19.16 -9.29
C ARG B 263 -21.30 18.96 -10.44
N THR B 264 -21.13 20.02 -11.23
CA THR B 264 -20.01 20.10 -12.15
C THR B 264 -18.71 19.77 -11.42
N LEU B 265 -17.89 18.94 -12.05
CA LEU B 265 -16.65 18.43 -11.47
C LEU B 265 -16.86 17.49 -10.30
N GLY B 266 -18.07 16.98 -10.10
CA GLY B 266 -18.37 16.18 -8.93
C GLY B 266 -18.07 14.70 -9.07
N LYS B 267 -18.15 14.01 -7.94
CA LYS B 267 -17.86 12.58 -7.82
C LYS B 267 -19.13 11.84 -7.44
N VAL B 268 -19.50 10.86 -8.25
CA VAL B 268 -20.61 9.95 -7.97
C VAL B 268 -20.00 8.62 -7.56
N VAL B 269 -20.28 8.18 -6.33
CA VAL B 269 -19.70 6.96 -5.81
C VAL B 269 -20.76 5.86 -5.79
N LEU B 270 -20.38 4.70 -6.31
CA LEU B 270 -21.20 3.50 -6.28
C LEU B 270 -20.66 2.58 -5.19
N VAL B 271 -21.58 1.98 -4.43
CA VAL B 271 -21.27 1.15 -3.28
C VAL B 271 -22.14 -0.12 -3.34
N GLY B 272 -21.60 -1.22 -2.85
CA GLY B 272 -22.35 -2.45 -2.74
C GLY B 272 -22.34 -3.28 -4.01
N LEU B 273 -22.95 -4.47 -3.91
CA LEU B 273 -22.90 -5.46 -4.98
C LEU B 273 -24.31 -5.90 -5.35
N PRO B 274 -25.07 -5.02 -5.99
CA PRO B 274 -26.46 -5.35 -6.38
C PRO B 274 -26.49 -6.30 -7.57
N SER B 275 -27.67 -6.88 -7.79
CA SER B 275 -27.90 -7.73 -8.95
C SER B 275 -28.69 -6.96 -10.00
N GLY B 276 -28.15 -6.92 -11.22
CA GLY B 276 -28.85 -6.34 -12.35
C GLY B 276 -29.03 -4.84 -12.34
N ALA B 277 -28.34 -4.13 -11.44
CA ALA B 277 -28.38 -2.67 -11.44
C ALA B 277 -27.39 -2.10 -12.45
N VAL B 278 -27.85 -1.16 -13.28
CA VAL B 278 -27.03 -0.54 -14.32
C VAL B 278 -27.13 0.96 -14.18
N VAL B 279 -25.99 1.64 -14.08
CA VAL B 279 -26.00 3.11 -14.09
C VAL B 279 -25.87 3.58 -15.53
N ASN B 280 -26.69 4.56 -15.89
CA ASN B 280 -26.72 5.14 -17.22
C ASN B 280 -26.28 6.60 -17.12
N SER B 281 -25.37 7.01 -18.00
CA SER B 281 -24.86 8.38 -17.98
C SER B 281 -24.80 8.93 -19.40
N ASP B 282 -25.47 10.05 -19.63
CA ASP B 282 -25.39 10.73 -20.91
C ASP B 282 -23.98 11.28 -21.09
N VAL B 283 -23.30 10.86 -22.17
CA VAL B 283 -21.88 11.18 -22.34
C VAL B 283 -21.69 12.68 -22.52
N PHE B 284 -22.58 13.35 -23.25
CA PHE B 284 -22.48 14.78 -23.44
C PHE B 284 -22.34 15.51 -22.11
N TRP B 285 -23.23 15.23 -21.17
CA TRP B 285 -23.19 15.92 -19.89
C TRP B 285 -22.07 15.40 -19.00
N HIS B 286 -21.77 14.11 -19.09
CA HIS B 286 -20.66 13.54 -18.33
C HIS B 286 -19.36 14.23 -18.68
N VAL B 287 -19.14 14.50 -19.97
CA VAL B 287 -17.93 15.19 -20.41
C VAL B 287 -18.02 16.67 -20.06
N LEU B 288 -19.13 17.32 -20.43
CA LEU B 288 -19.24 18.75 -20.19
C LEU B 288 -19.03 19.11 -18.73
N LYS B 289 -19.52 18.26 -17.83
CA LYS B 289 -19.40 18.50 -16.39
C LYS B 289 -18.20 17.81 -15.77
N SER B 290 -17.41 17.09 -16.56
CA SER B 290 -16.24 16.35 -16.08
C SER B 290 -16.57 15.56 -14.81
N ILE B 291 -17.67 14.81 -14.87
CA ILE B 291 -18.12 13.99 -13.74
C ILE B 291 -17.22 12.77 -13.65
N GLU B 292 -17.10 12.23 -12.44
CA GLU B 292 -16.38 10.97 -12.20
C GLU B 292 -17.33 10.01 -11.51
N ILE B 293 -17.58 8.85 -12.13
CA ILE B 293 -18.38 7.79 -11.52
C ILE B 293 -17.41 6.73 -11.05
N LYS B 294 -17.27 6.59 -9.73
CA LYS B 294 -16.24 5.78 -9.11
C LYS B 294 -16.86 4.66 -8.28
N GLY B 295 -16.39 3.43 -8.49
CA GLY B 295 -16.79 2.33 -7.65
C GLY B 295 -15.96 2.31 -6.38
N SER B 296 -16.62 2.00 -5.26
CA SER B 296 -15.96 1.92 -3.97
C SER B 296 -16.30 0.59 -3.34
N TYR B 297 -15.29 -0.26 -3.17
CA TYR B 297 -15.51 -1.64 -2.79
C TYR B 297 -15.33 -1.78 -1.27
N VAL B 298 -14.24 -2.40 -0.82
CA VAL B 298 -14.05 -2.57 0.62
C VAL B 298 -12.81 -1.79 1.07
N GLY B 299 -12.86 -1.34 2.31
CA GLY B 299 -11.72 -0.61 2.87
C GLY B 299 -10.54 -1.52 3.11
N ASN B 300 -9.35 -0.96 2.98
CA ASN B 300 -8.12 -1.67 3.27
C ASN B 300 -7.80 -1.55 4.76
N ARG B 301 -6.59 -1.96 5.17
CA ARG B 301 -6.28 -1.98 6.59
C ARG B 301 -6.23 -0.58 7.19
N GLU B 302 -5.75 0.40 6.40
CA GLU B 302 -5.75 1.77 6.83
C GLU B 302 -7.17 2.30 7.03
N ASP B 303 -8.02 2.08 6.03
CA ASP B 303 -9.42 2.48 6.13
C ASP B 303 -10.10 1.82 7.32
N SER B 304 -9.81 0.54 7.53
CA SER B 304 -10.42 -0.19 8.63
C SER B 304 -10.09 0.46 9.95
N ALA B 305 -8.79 0.75 10.18
CA ALA B 305 -8.39 1.34 11.44
C ALA B 305 -9.06 2.70 11.64
N GLU B 306 -9.12 3.52 10.58
CA GLU B 306 -9.75 4.84 10.72
C GLU B 306 -11.23 4.73 11.05
N ALA B 307 -11.96 3.89 10.32
CA ALA B 307 -13.40 3.78 10.55
C ALA B 307 -13.69 3.23 11.95
N ILE B 308 -12.95 2.20 12.36
CA ILE B 308 -13.14 1.64 13.69
C ILE B 308 -12.82 2.68 14.74
N ASP B 309 -11.78 3.49 14.50
CA ASP B 309 -11.41 4.49 15.51
C ASP B 309 -12.51 5.52 15.67
N LEU B 310 -13.10 5.96 14.55
CA LEU B 310 -14.21 6.91 14.67
C LEU B 310 -15.37 6.30 15.45
N PHE B 311 -15.63 5.00 15.24
CA PHE B 311 -16.68 4.36 16.02
C PHE B 311 -16.35 4.34 17.52
N THR B 312 -15.13 3.91 17.87
CA THR B 312 -14.78 3.80 19.29
C THR B 312 -14.76 5.14 19.98
N ARG B 313 -14.46 6.22 19.25
CA ARG B 313 -14.55 7.56 19.83
C ARG B 313 -15.98 8.03 20.02
N GLY B 314 -16.97 7.25 19.62
CA GLY B 314 -18.35 7.60 19.83
C GLY B 314 -18.97 8.45 18.75
N LEU B 315 -18.26 8.68 17.65
CA LEU B 315 -18.74 9.59 16.61
C LEU B 315 -19.68 8.92 15.62
N VAL B 316 -19.81 7.60 15.68
CA VAL B 316 -20.77 6.88 14.85
C VAL B 316 -21.48 5.87 15.74
N LYS B 317 -22.79 5.77 15.57
CA LYS B 317 -23.61 4.85 16.34
C LYS B 317 -24.42 3.98 15.40
N ALA B 318 -24.40 2.67 15.65
CA ALA B 318 -25.10 1.68 14.84
C ALA B 318 -25.92 0.79 15.75
N PRO B 319 -27.13 1.20 16.12
CA PRO B 319 -27.95 0.38 17.01
C PRO B 319 -28.18 -1.01 16.42
N ILE B 320 -28.15 -2.03 17.28
CA ILE B 320 -28.25 -3.41 16.85
C ILE B 320 -29.36 -4.11 17.62
N LYS B 321 -29.87 -5.18 17.01
CA LYS B 321 -30.79 -6.10 17.67
C LYS B 321 -30.07 -7.44 17.82
N ILE B 322 -29.80 -7.84 19.05
CA ILE B 322 -29.04 -9.06 19.32
C ILE B 322 -29.98 -10.25 19.33
N ILE B 323 -29.67 -11.24 18.51
CA ILE B 323 -30.38 -12.51 18.47
C ILE B 323 -29.37 -13.64 18.67
N GLY B 324 -29.87 -14.87 18.67
CA GLY B 324 -29.01 -16.02 18.81
C GLY B 324 -28.54 -16.57 17.48
N LEU B 325 -27.31 -17.08 17.46
CA LEU B 325 -26.81 -17.77 16.28
C LEU B 325 -27.78 -18.86 15.84
N SER B 326 -28.35 -19.58 16.81
CA SER B 326 -29.32 -20.62 16.48
C SER B 326 -30.51 -20.08 15.69
N GLU B 327 -30.82 -18.79 15.82
CA GLU B 327 -31.93 -18.19 15.09
C GLU B 327 -31.52 -17.63 13.74
N LEU B 328 -30.24 -17.71 13.38
CA LEU B 328 -29.74 -17.00 12.21
C LEU B 328 -30.52 -17.34 10.95
N ALA B 329 -30.97 -18.60 10.82
CA ALA B 329 -31.68 -19.01 9.63
C ALA B 329 -32.84 -18.07 9.31
N LYS B 330 -33.57 -17.61 10.34
CA LYS B 330 -34.71 -16.74 10.10
C LYS B 330 -34.27 -15.51 9.32
N VAL B 331 -33.16 -14.89 9.74
CA VAL B 331 -32.66 -13.71 9.04
C VAL B 331 -32.46 -14.02 7.57
N TYR B 332 -31.78 -15.14 7.28
CA TYR B 332 -31.60 -15.53 5.88
C TYR B 332 -32.94 -15.51 5.16
N GLU B 333 -33.92 -16.21 5.71
CA GLU B 333 -35.24 -16.26 5.09
C GLU B 333 -35.74 -14.85 4.82
N GLN B 334 -35.67 -13.98 5.82
CA GLN B 334 -36.12 -12.61 5.63
C GLN B 334 -35.38 -11.97 4.47
N MET B 335 -34.04 -12.02 4.49
CA MET B 335 -33.27 -11.42 3.40
C MET B 335 -33.72 -11.99 2.06
N GLU B 336 -34.00 -13.30 2.01
CA GLU B 336 -34.47 -13.90 0.78
C GLU B 336 -35.85 -13.39 0.40
N ALA B 337 -36.78 -13.39 1.36
CA ALA B 337 -38.14 -12.89 1.13
C ALA B 337 -38.27 -11.39 1.29
N GLY B 338 -37.27 -10.61 0.87
CA GLY B 338 -37.40 -9.18 0.97
C GLY B 338 -37.72 -8.76 2.39
N ALA B 339 -38.60 -7.76 2.52
CA ALA B 339 -38.93 -7.23 3.83
C ALA B 339 -37.88 -6.63 4.76
N ILE B 340 -37.19 -5.59 4.30
CA ILE B 340 -36.16 -4.97 5.11
C ILE B 340 -36.37 -4.85 6.61
N ILE B 341 -35.32 -5.16 7.37
CA ILE B 341 -35.37 -5.24 8.82
C ILE B 341 -34.11 -4.61 9.37
N GLY B 342 -34.14 -4.25 10.65
CA GLY B 342 -33.02 -3.56 11.25
C GLY B 342 -31.75 -4.36 11.26
N ARG B 343 -30.80 -3.96 12.10
CA ARG B 343 -29.46 -4.49 12.10
C ARG B 343 -29.35 -5.61 13.13
N TYR B 344 -29.27 -6.85 12.65
CA TYR B 344 -29.22 -8.01 13.54
C TYR B 344 -27.76 -8.38 13.82
N VAL B 345 -27.50 -8.70 15.09
CA VAL B 345 -26.21 -9.19 15.54
C VAL B 345 -26.46 -10.51 16.27
N VAL B 346 -25.86 -11.60 15.77
CA VAL B 346 -26.04 -12.90 16.40
C VAL B 346 -25.02 -13.07 17.51
N ASP B 347 -25.51 -13.54 18.65
CA ASP B 347 -24.68 -14.00 19.77
C ASP B 347 -24.39 -15.48 19.54
N THR B 348 -23.10 -15.82 19.44
CA THR B 348 -22.72 -17.17 19.07
C THR B 348 -22.88 -18.18 20.20
N SER B 349 -23.13 -17.72 21.43
CA SER B 349 -23.38 -18.61 22.54
C SER B 349 -24.86 -18.99 22.65
N LYS B 350 -25.70 -18.48 21.75
CA LYS B 350 -27.11 -18.79 21.74
C LYS B 350 -27.55 -19.22 20.35
#